data_9UU0
#
_entry.id   9UU0
#
_cell.length_a   234.120
_cell.length_b   63.460
_cell.length_c   113.610
_cell.angle_alpha   90.000
_cell.angle_beta   110.786
_cell.angle_gamma   90.000
#
_symmetry.space_group_name_H-M   'C 1 2 1'
#
loop_
_entity.id
_entity.type
_entity.pdbx_description
1 polymer 'Maltose/maltodextrin-binding periplasmic protein,Bacteroides fragilis T6SS effector'
2 water water
#
_entity_poly.entity_id   1
_entity_poly.type   'polypeptide(L)'
_entity_poly.pdbx_seq_one_letter_code
;MKIEEGKLVIWINGDKGYNGLAEVGKKFEKDTGIKVTVEHPDKLEEKFPQVAATGDGPDIIFWAHDRFGGYAQSGLLAEI
TPAAAFQDKLYPFTWDAVRYNGKLIAYPIAVEALSLIYNKDLLPNPPKTWEEIPALDKELKAKGKSALMFNLQEPYFTWP
LIAADGGYAFKYAAGKYDIKDVGVDNAGAKAGLTFLVDLIKNKHMNADTDYSIAEAAFNKGETAMTINGPWAWSNIDTSA
VNYGVTVLPTFKGQPSKPFVGVLSAGINAASPNKELAKEFLENYLLTDEGLEAVNKDKPLGAVALKSYEEELAKDPRIAA
TMENAQKGEIMPNIPQMSAFWYAVRTAVINAASGRQTVDEALKDAQTAARAFAAAGSMSSKGLSAVARTAKFALSHPLIA
AEIGYWIKGSTNISTNAVRFATRNDVLSGGDGAESNAFRHTLWQSYITNRHGIEIATSIGNAHEENPDVNLRNRRFRTQL
DADQTIDLLNNQIGRSLGNTAPIGMRDMALRVLEVFYRDGLYTAKQSEDGSWYIDRTKITQEQYNSLKKFYEIANDFGRS
KEEQDEIMKNAAKRDEKLLDEYEKHWHSIR
;
_entity_poly.pdbx_strand_id   A,B
#
# COMPACT_ATOMS: atom_id res chain seq x y z
N MET A 1 -13.02 -29.42 34.68
CA MET A 1 -13.92 -28.25 34.91
C MET A 1 -14.11 -27.52 33.59
N LYS A 2 -15.34 -27.46 33.09
CA LYS A 2 -15.59 -26.66 31.87
C LYS A 2 -14.85 -25.32 31.87
N ILE A 3 -14.77 -24.68 33.04
CA ILE A 3 -13.99 -23.40 33.16
C ILE A 3 -13.25 -23.60 34.49
N GLU A 4 -11.92 -23.69 34.46
CA GLU A 4 -11.11 -23.97 35.67
C GLU A 4 -11.08 -22.77 36.61
N GLU A 5 -11.37 -23.01 37.90
CA GLU A 5 -11.37 -21.92 38.89
C GLU A 5 -9.94 -21.70 39.37
N GLY A 6 -9.58 -20.45 39.62
CA GLY A 6 -8.25 -20.10 40.07
C GLY A 6 -7.32 -19.61 38.99
N LYS A 7 -7.79 -19.51 37.74
CA LYS A 7 -6.98 -19.02 36.64
C LYS A 7 -7.88 -18.26 35.67
N LEU A 8 -7.27 -17.39 34.88
CA LEU A 8 -7.98 -16.54 33.92
C LEU A 8 -7.55 -16.90 32.50
N VAL A 9 -8.53 -17.08 31.63
CA VAL A 9 -8.30 -17.35 30.21
C VAL A 9 -8.91 -16.19 29.43
N ILE A 10 -8.09 -15.54 28.60
CA ILE A 10 -8.50 -14.36 27.86
C ILE A 10 -8.46 -14.69 26.37
N TRP A 11 -9.55 -14.37 25.67
CA TRP A 11 -9.64 -14.55 24.23
C TRP A 11 -9.67 -13.18 23.55
N ILE A 12 -8.68 -12.94 22.69
CA ILE A 12 -8.56 -11.70 21.92
C ILE A 12 -8.21 -12.07 20.49
N ASN A 13 -8.52 -11.17 19.57
CA ASN A 13 -8.18 -11.43 18.18
C ASN A 13 -6.70 -11.20 17.95
N GLY A 14 -6.18 -11.79 16.86
CA GLY A 14 -4.75 -11.78 16.59
C GLY A 14 -4.20 -10.47 16.06
N ASP A 15 -5.06 -9.50 15.77
CA ASP A 15 -4.63 -8.22 15.22
C ASP A 15 -4.59 -7.11 16.27
N LYS A 16 -4.76 -7.45 17.55
CA LYS A 16 -4.92 -6.44 18.60
C LYS A 16 -3.81 -6.53 19.66
N GLY A 17 -2.71 -7.20 19.37
CA GLY A 17 -1.58 -7.22 20.28
C GLY A 17 -1.76 -8.17 21.45
N TYR A 18 -1.89 -9.46 21.14
CA TYR A 18 -2.14 -10.46 22.18
C TYR A 18 -0.94 -10.71 23.07
N ASN A 19 0.25 -10.28 22.66
CA ASN A 19 1.43 -10.50 23.48
C ASN A 19 1.61 -9.43 24.56
N GLY A 20 1.14 -8.21 24.29
CA GLY A 20 1.13 -7.19 25.32
C GLY A 20 0.20 -7.53 26.48
N LEU A 21 -0.93 -8.19 26.17
CA LEU A 21 -1.86 -8.59 27.22
C LEU A 21 -1.21 -9.58 28.18
N ALA A 22 -0.47 -10.56 27.65
CA ALA A 22 0.16 -11.56 28.51
C ALA A 22 1.22 -10.93 29.40
N GLU A 23 1.90 -9.88 28.93
CA GLU A 23 2.85 -9.17 29.77
C GLU A 23 2.15 -8.54 30.97
N VAL A 24 0.97 -7.95 30.73
CA VAL A 24 0.16 -7.46 31.85
C VAL A 24 -0.29 -8.63 32.71
N GLY A 25 -0.59 -9.76 32.09
CA GLY A 25 -0.90 -10.97 32.85
C GLY A 25 0.27 -11.48 33.65
N LYS A 26 1.49 -11.24 33.17
CA LYS A 26 2.68 -11.61 33.94
C LYS A 26 2.76 -10.81 35.23
N LYS A 27 2.50 -9.50 35.17
CA LYS A 27 2.48 -8.69 36.37
C LYS A 27 1.35 -9.13 37.31
N PHE A 28 0.25 -9.60 36.74
CA PHE A 28 -0.84 -10.14 37.56
C PHE A 28 -0.39 -11.39 38.31
N GLU A 29 0.33 -12.29 37.63
CA GLU A 29 0.83 -13.48 38.30
C GLU A 29 1.89 -13.13 39.34
N LYS A 30 2.70 -12.11 39.07
CA LYS A 30 3.74 -11.70 40.01
C LYS A 30 3.14 -11.20 41.31
N ASP A 31 2.05 -10.45 41.23
CA ASP A 31 1.45 -9.83 42.41
C ASP A 31 0.31 -10.63 43.02
N THR A 32 -0.33 -11.51 42.26
CA THR A 32 -1.48 -12.26 42.76
C THR A 32 -1.30 -13.77 42.74
N GLY A 33 -0.57 -14.31 41.76
CA GLY A 33 -0.43 -15.74 41.63
C GLY A 33 -1.52 -16.40 40.81
N ILE A 34 -2.43 -15.64 40.23
CA ILE A 34 -3.47 -16.18 39.36
C ILE A 34 -2.96 -16.16 37.93
N LYS A 35 -2.90 -17.33 37.31
CA LYS A 35 -2.29 -17.44 35.99
C LYS A 35 -3.20 -16.80 34.94
N VAL A 36 -2.59 -15.97 34.08
CA VAL A 36 -3.28 -15.32 32.98
C VAL A 36 -2.73 -15.89 31.68
N THR A 37 -3.55 -16.63 30.96
CA THR A 37 -3.18 -17.19 29.66
C THR A 37 -4.02 -16.52 28.59
N VAL A 38 -3.36 -15.93 27.60
CA VAL A 38 -4.01 -15.21 26.53
C VAL A 38 -3.93 -16.06 25.26
N GLU A 39 -5.09 -16.38 24.70
CA GLU A 39 -5.19 -17.16 23.48
C GLU A 39 -5.93 -16.36 22.42
N HIS A 40 -5.60 -16.60 21.16
CA HIS A 40 -6.17 -15.87 20.03
C HIS A 40 -6.68 -16.84 18.97
N PRO A 41 -7.79 -17.53 19.26
CA PRO A 41 -8.34 -18.46 18.27
C PRO A 41 -8.99 -17.73 17.10
N ASP A 42 -8.94 -18.37 15.94
CA ASP A 42 -9.67 -17.86 14.78
C ASP A 42 -11.15 -18.14 14.92
N LYS A 43 -11.96 -17.38 14.20
CA LYS A 43 -13.43 -17.43 14.31
C LYS A 43 -13.87 -17.19 15.75
N LEU A 44 -13.10 -16.37 16.48
CA LEU A 44 -13.44 -16.07 17.88
C LEU A 44 -14.81 -15.40 17.99
N GLU A 45 -15.19 -14.62 16.98
CA GLU A 45 -16.52 -14.00 16.98
C GLU A 45 -17.61 -15.06 16.98
N GLU A 46 -17.38 -16.18 16.28
CA GLU A 46 -18.35 -17.26 16.21
C GLU A 46 -18.06 -18.40 17.18
N LYS A 47 -16.83 -18.52 17.66
CA LYS A 47 -16.49 -19.61 18.58
C LYS A 47 -17.15 -19.41 19.94
N PHE A 48 -17.07 -18.21 20.49
CA PHE A 48 -17.59 -17.97 21.83
C PHE A 48 -19.09 -18.25 21.97
N PRO A 49 -19.97 -17.84 21.05
CA PRO A 49 -21.41 -18.11 21.27
C PRO A 49 -21.74 -19.57 21.50
N GLN A 50 -21.05 -20.48 20.80
CA GLN A 50 -21.33 -21.89 20.95
C GLN A 50 -20.79 -22.43 22.27
N VAL A 51 -19.55 -22.09 22.61
CA VAL A 51 -18.94 -22.64 23.82
C VAL A 51 -19.54 -22.03 25.08
N ALA A 52 -19.97 -20.77 25.01
CA ALA A 52 -20.54 -20.12 26.20
C ALA A 52 -21.87 -20.74 26.59
N ALA A 53 -22.70 -21.08 25.60
CA ALA A 53 -24.03 -21.64 25.89
C ALA A 53 -23.91 -22.94 26.66
N THR A 54 -22.94 -23.78 26.30
CA THR A 54 -22.67 -25.00 27.04
C THR A 54 -21.73 -24.76 28.22
N GLY A 55 -21.26 -23.53 28.41
CA GLY A 55 -20.45 -23.19 29.56
C GLY A 55 -18.97 -23.51 29.44
N ASP A 56 -18.44 -23.60 28.21
CA ASP A 56 -17.05 -24.00 27.99
C ASP A 56 -16.22 -22.87 27.38
N GLY A 57 -16.57 -21.62 27.67
CA GLY A 57 -15.94 -20.49 27.02
C GLY A 57 -14.65 -20.04 27.69
N PRO A 58 -14.22 -18.82 27.38
CA PRO A 58 -13.12 -18.19 28.11
C PRO A 58 -13.66 -17.33 29.24
N ASP A 59 -12.74 -16.92 30.13
CA ASP A 59 -13.13 -16.04 31.22
C ASP A 59 -13.41 -14.62 30.72
N ILE A 60 -12.54 -14.10 29.85
CA ILE A 60 -12.63 -12.74 29.36
C ILE A 60 -12.56 -12.76 27.83
N ILE A 61 -13.27 -11.82 27.22
CA ILE A 61 -13.29 -11.65 25.77
C ILE A 61 -12.91 -10.22 25.44
N PHE A 62 -12.16 -10.04 24.35
CA PHE A 62 -11.90 -8.73 23.78
C PHE A 62 -12.45 -8.71 22.36
N TRP A 63 -13.43 -7.84 22.12
CA TRP A 63 -14.05 -7.71 20.81
C TRP A 63 -14.82 -6.40 20.77
N ALA A 64 -15.27 -6.05 19.57
CA ALA A 64 -16.06 -4.83 19.39
C ALA A 64 -17.41 -4.95 20.09
N HIS A 65 -17.96 -3.80 20.48
CA HIS A 65 -19.18 -3.77 21.28
C HIS A 65 -20.41 -4.19 20.51
N ASP A 66 -20.39 -4.12 19.17
CA ASP A 66 -21.59 -4.42 18.40
C ASP A 66 -22.03 -5.88 18.56
N ARG A 67 -21.07 -6.79 18.78
CA ARG A 67 -21.38 -8.20 18.95
C ARG A 67 -21.81 -8.55 20.36
N PHE A 68 -21.43 -7.76 21.36
CA PHE A 68 -21.73 -8.10 22.74
C PHE A 68 -23.22 -7.98 23.05
N GLY A 69 -23.95 -7.15 22.31
CA GLY A 69 -25.38 -7.02 22.57
C GLY A 69 -26.12 -8.32 22.35
N GLY A 70 -25.78 -9.05 21.29
CA GLY A 70 -26.35 -10.37 21.09
C GLY A 70 -25.94 -11.37 22.15
N TYR A 71 -24.71 -11.24 22.66
CA TYR A 71 -24.25 -12.16 23.70
C TYR A 71 -25.10 -12.05 24.96
N ALA A 72 -25.35 -10.82 25.42
CA ALA A 72 -26.19 -10.63 26.60
C ALA A 72 -27.62 -11.07 26.35
N GLN A 73 -28.11 -10.90 25.12
CA GLN A 73 -29.43 -11.40 24.77
C GLN A 73 -29.51 -12.91 24.89
N SER A 74 -28.38 -13.60 24.72
CA SER A 74 -28.30 -15.04 24.94
C SER A 74 -27.89 -15.38 26.37
N GLY A 75 -27.70 -14.38 27.23
CA GLY A 75 -27.32 -14.63 28.61
C GLY A 75 -25.90 -15.12 28.78
N LEU A 76 -25.00 -14.77 27.87
CA LEU A 76 -23.63 -15.26 27.88
C LEU A 76 -22.63 -14.29 28.50
N LEU A 77 -23.08 -13.11 28.93
CA LEU A 77 -22.20 -12.11 29.52
C LEU A 77 -22.68 -11.72 30.90
N ALA A 78 -21.74 -11.62 31.83
CA ALA A 78 -22.06 -11.22 33.20
C ALA A 78 -22.17 -9.71 33.31
N GLU A 79 -22.96 -9.26 34.27
CA GLU A 79 -23.10 -7.83 34.50
C GLU A 79 -21.84 -7.25 35.10
N ILE A 80 -21.42 -6.10 34.58
CA ILE A 80 -20.25 -5.38 35.08
C ILE A 80 -20.73 -4.32 36.05
N THR A 81 -20.30 -4.43 37.30
CA THR A 81 -20.63 -3.45 38.33
C THR A 81 -19.36 -2.73 38.78
N PRO A 82 -18.94 -1.69 38.07
CA PRO A 82 -17.76 -0.94 38.50
C PRO A 82 -18.11 0.06 39.59
N ALA A 83 -17.09 0.41 40.36
CA ALA A 83 -17.24 1.46 41.36
C ALA A 83 -17.30 2.82 40.68
N ALA A 84 -17.82 3.81 41.42
CA ALA A 84 -17.95 5.16 40.87
C ALA A 84 -16.59 5.74 40.54
N ALA A 85 -15.58 5.49 41.37
CA ALA A 85 -14.25 6.02 41.12
C ALA A 85 -13.66 5.49 39.82
N PHE A 86 -13.80 4.19 39.57
CA PHE A 86 -13.27 3.61 38.34
C PHE A 86 -14.12 3.99 37.13
N GLN A 87 -15.43 4.05 37.30
CA GLN A 87 -16.31 4.37 36.18
C GLN A 87 -16.06 5.78 35.67
N ASP A 88 -15.73 6.72 36.57
CA ASP A 88 -15.41 8.07 36.15
C ASP A 88 -14.03 8.16 35.52
N LYS A 89 -13.19 7.14 35.67
CA LYS A 89 -11.87 7.14 35.03
C LYS A 89 -11.95 6.90 33.53
N LEU A 90 -13.10 6.47 33.02
CA LEU A 90 -13.28 6.20 31.61
C LEU A 90 -14.32 7.16 31.03
N TYR A 91 -14.19 7.43 29.74
CA TYR A 91 -15.08 8.40 29.09
C TYR A 91 -16.53 7.93 29.18
N PRO A 92 -17.46 8.80 29.56
CA PRO A 92 -18.86 8.35 29.73
C PRO A 92 -19.49 7.81 28.46
N PHE A 93 -19.16 8.38 27.30
CA PHE A 93 -19.78 7.91 26.06
C PHE A 93 -19.34 6.49 25.69
N THR A 94 -18.19 6.04 26.19
CA THR A 94 -17.77 4.67 25.94
C THR A 94 -18.60 3.68 26.72
N TRP A 95 -19.06 4.05 27.93
CA TRP A 95 -19.91 3.16 28.69
C TRP A 95 -21.26 2.93 28.02
N ASP A 96 -21.76 3.92 27.26
CA ASP A 96 -23.02 3.77 26.56
C ASP A 96 -22.94 2.81 25.39
N ALA A 97 -21.73 2.42 24.97
CA ALA A 97 -21.56 1.42 23.92
C ALA A 97 -21.62 -0.01 24.44
N VAL A 98 -21.57 -0.20 25.76
CA VAL A 98 -21.53 -1.53 26.34
C VAL A 98 -22.70 -1.71 27.30
N ARG A 99 -23.83 -1.07 27.00
CA ARG A 99 -25.02 -1.12 27.85
C ARG A 99 -26.12 -1.87 27.13
N TYR A 100 -26.63 -2.93 27.75
CA TYR A 100 -27.78 -3.67 27.26
C TYR A 100 -28.80 -3.77 28.38
N ASN A 101 -30.05 -3.43 28.07
CA ASN A 101 -31.14 -3.40 29.06
C ASN A 101 -30.82 -2.46 30.22
N GLY A 102 -30.03 -1.43 29.95
CA GLY A 102 -29.61 -0.49 30.98
C GLY A 102 -28.53 -0.99 31.90
N LYS A 103 -27.97 -2.16 31.65
CA LYS A 103 -26.98 -2.79 32.52
C LYS A 103 -25.65 -2.89 31.80
N LEU A 104 -24.57 -2.52 32.49
CA LEU A 104 -23.24 -2.62 31.90
C LEU A 104 -22.87 -4.08 31.68
N ILE A 105 -22.38 -4.39 30.49
CA ILE A 105 -22.05 -5.77 30.12
C ILE A 105 -20.58 -5.96 29.80
N ALA A 106 -19.77 -4.90 29.76
CA ALA A 106 -18.36 -5.01 29.41
C ALA A 106 -17.64 -3.74 29.84
N TYR A 107 -16.31 -3.78 29.71
CA TYR A 107 -15.45 -2.62 29.96
C TYR A 107 -14.99 -2.05 28.63
N PRO A 108 -15.23 -0.74 28.36
CA PRO A 108 -14.68 -0.11 27.17
C PRO A 108 -13.15 -0.08 27.27
N ILE A 109 -12.46 -0.39 26.18
CA ILE A 109 -10.97 -0.42 26.17
C ILE A 109 -10.46 0.59 25.16
N ALA A 110 -11.05 0.63 23.96
CA ALA A 110 -10.52 1.53 22.91
C ALA A 110 -11.63 2.04 22.01
N VAL A 111 -11.35 3.08 21.23
CA VAL A 111 -12.37 3.70 20.40
C VAL A 111 -11.85 3.88 18.98
N GLU A 112 -12.72 3.69 18.00
CA GLU A 112 -12.37 3.85 16.60
C GLU A 112 -13.47 4.62 15.88
N ALA A 113 -13.08 5.51 14.97
CA ALA A 113 -14.04 6.31 14.24
C ALA A 113 -13.44 6.77 12.92
N LEU A 114 -14.31 7.13 11.99
CA LEU A 114 -13.91 7.65 10.70
C LEU A 114 -13.45 9.10 10.82
N SER A 115 -12.51 9.49 9.97
CA SER A 115 -11.93 10.82 10.03
C SER A 115 -11.48 11.26 8.65
N LEU A 116 -11.28 12.58 8.52
CA LEU A 116 -10.84 13.17 7.25
C LEU A 116 -9.33 13.15 7.17
N ILE A 117 -8.82 12.83 5.98
CA ILE A 117 -7.39 12.79 5.70
C ILE A 117 -7.14 13.71 4.50
N TYR A 118 -6.22 14.67 4.69
CA TYR A 118 -5.94 15.67 3.63
C TYR A 118 -4.49 15.55 3.15
N ASN A 119 -4.13 16.38 2.16
CA ASN A 119 -2.76 16.35 1.57
C ASN A 119 -2.26 17.80 1.49
N LYS A 120 -1.00 18.01 1.10
CA LYS A 120 -0.50 19.40 0.92
C LYS A 120 -1.19 20.02 -0.30
N ASP A 121 -1.92 19.22 -1.07
CA ASP A 121 -2.68 19.78 -2.21
C ASP A 121 -3.69 20.79 -1.68
N LEU A 122 -3.98 20.73 -0.37
CA LEU A 122 -4.91 21.70 0.25
C LEU A 122 -4.58 21.82 1.74
N LEU A 123 -3.45 21.26 2.16
CA LEU A 123 -3.12 21.25 3.62
C LEU A 123 -3.76 22.45 4.34
N PRO A 124 -3.54 23.71 3.94
CA PRO A 124 -4.10 24.84 4.70
C PRO A 124 -5.59 24.75 4.98
N ASN A 125 -6.08 25.50 5.98
CA ASN A 125 -7.53 25.52 6.31
C ASN A 125 -8.28 24.36 5.65
N PRO A 126 -8.07 23.10 6.08
CA PRO A 126 -8.81 21.98 5.52
C PRO A 126 -10.31 22.24 5.71
N PRO A 127 -11.19 21.82 4.78
CA PRO A 127 -12.62 22.13 4.86
C PRO A 127 -13.26 21.84 6.22
N LYS A 128 -13.93 22.83 6.81
CA LYS A 128 -14.61 22.69 8.08
C LYS A 128 -16.11 22.46 7.89
N THR A 129 -16.63 22.73 6.69
CA THR A 129 -18.03 22.53 6.37
C THR A 129 -18.13 21.73 5.08
N TRP A 130 -19.16 20.88 5.00
CA TRP A 130 -19.42 20.16 3.76
C TRP A 130 -19.81 21.12 2.63
N GLU A 131 -20.40 22.26 2.97
CA GLU A 131 -20.96 23.14 1.95
C GLU A 131 -19.90 23.80 1.09
N GLU A 132 -18.68 23.96 1.61
CA GLU A 132 -17.61 24.61 0.87
C GLU A 132 -16.76 23.62 0.06
N ILE A 133 -17.02 22.32 0.19
CA ILE A 133 -16.29 21.34 -0.61
C ILE A 133 -16.50 21.52 -2.11
N PRO A 134 -17.73 21.74 -2.61
CA PRO A 134 -17.88 21.94 -4.06
C PRO A 134 -17.11 23.12 -4.60
N ALA A 135 -17.00 24.18 -3.81
CA ALA A 135 -16.27 25.39 -4.24
C ALA A 135 -14.79 25.04 -4.45
N LEU A 136 -14.19 24.36 -3.49
CA LEU A 136 -12.74 24.05 -3.59
C LEU A 136 -12.52 23.12 -4.78
N ASP A 137 -13.53 22.34 -5.14
CA ASP A 137 -13.32 21.36 -6.23
C ASP A 137 -12.75 22.12 -7.43
N LYS A 138 -13.56 22.99 -8.03
CA LYS A 138 -13.09 23.72 -9.24
C LYS A 138 -11.64 24.17 -9.01
N GLU A 139 -11.39 24.91 -7.94
CA GLU A 139 -10.03 25.45 -7.69
C GLU A 139 -8.99 24.40 -8.07
N LEU A 140 -9.18 23.16 -7.63
CA LEU A 140 -8.19 22.10 -7.93
C LEU A 140 -8.49 21.52 -9.31
N LYS A 141 -9.77 21.41 -9.65
CA LYS A 141 -10.13 20.94 -11.01
C LYS A 141 -9.22 21.69 -11.97
N ALA A 142 -8.99 22.98 -11.72
CA ALA A 142 -8.05 23.75 -12.56
C ALA A 142 -6.70 23.05 -12.54
N LYS A 143 -6.11 22.91 -11.35
CA LYS A 143 -4.79 22.22 -11.22
C LYS A 143 -4.94 20.78 -11.71
N GLY A 144 -6.16 20.37 -12.07
CA GLY A 144 -6.36 19.01 -12.61
C GLY A 144 -6.19 18.02 -11.49
N LYS A 145 -6.56 18.43 -10.27
CA LYS A 145 -6.50 17.49 -9.12
C LYS A 145 -7.91 17.37 -8.53
N SER A 146 -8.38 16.16 -8.24
CA SER A 146 -9.70 16.01 -7.57
C SER A 146 -9.64 16.61 -6.16
N ALA A 147 -10.79 16.90 -5.58
CA ALA A 147 -10.82 17.48 -4.22
C ALA A 147 -11.07 16.38 -3.19
N LEU A 148 -12.28 15.83 -3.17
CA LEU A 148 -12.62 14.78 -2.18
C LEU A 148 -12.87 13.45 -2.89
N MET A 149 -12.45 12.36 -2.26
CA MET A 149 -12.72 11.03 -2.80
C MET A 149 -12.78 10.04 -1.65
N PHE A 150 -13.95 9.45 -1.42
CA PHE A 150 -14.09 8.40 -0.41
C PHE A 150 -15.07 7.36 -0.94
N ASN A 151 -15.00 6.17 -0.34
CA ASN A 151 -15.82 5.06 -0.80
C ASN A 151 -17.31 5.38 -0.67
N LEU A 152 -18.06 5.15 -1.74
CA LEU A 152 -19.49 5.41 -1.77
C LEU A 152 -20.33 4.15 -1.83
N GLN A 153 -19.73 2.99 -2.07
CA GLN A 153 -20.50 1.76 -2.18
C GLN A 153 -20.96 1.27 -0.82
N GLU A 154 -20.15 1.45 0.22
CA GLU A 154 -20.58 0.96 1.52
C GLU A 154 -21.12 2.09 2.38
N PRO A 155 -22.25 1.86 3.06
CA PRO A 155 -22.89 2.94 3.83
C PRO A 155 -22.10 3.39 5.04
N TYR A 156 -21.12 2.62 5.50
CA TYR A 156 -20.32 3.04 6.65
C TYR A 156 -19.59 4.35 6.38
N PHE A 157 -19.18 4.59 5.14
CA PHE A 157 -18.49 5.81 4.79
C PHE A 157 -19.43 6.97 4.47
N THR A 158 -20.63 6.68 3.97
CA THR A 158 -21.57 7.74 3.61
C THR A 158 -22.49 8.14 4.76
N TRP A 159 -22.60 7.32 5.80
CA TRP A 159 -23.47 7.65 6.92
C TRP A 159 -23.10 8.95 7.64
N PRO A 160 -21.82 9.28 7.87
CA PRO A 160 -21.51 10.52 8.62
C PRO A 160 -22.16 11.77 8.05
N LEU A 161 -22.22 11.91 6.73
CA LEU A 161 -22.88 13.07 6.13
C LEU A 161 -24.39 12.96 6.26
N ILE A 162 -24.93 11.75 6.08
CA ILE A 162 -26.38 11.56 6.15
C ILE A 162 -26.90 11.82 7.56
N ALA A 163 -26.18 11.32 8.55
CA ALA A 163 -26.68 11.38 9.95
C ALA A 163 -26.57 12.78 10.56
N ALA A 164 -25.65 13.60 10.07
CA ALA A 164 -25.42 14.92 10.71
C ALA A 164 -26.71 15.70 10.91
N ASP A 165 -27.44 16.03 9.85
CA ASP A 165 -28.63 16.92 9.98
C ASP A 165 -29.80 16.21 10.65
N GLY A 166 -29.61 15.00 11.16
CA GLY A 166 -30.73 14.27 11.75
C GLY A 166 -30.86 12.94 11.07
N GLY A 167 -30.24 11.91 11.63
CA GLY A 167 -30.25 10.59 10.97
C GLY A 167 -29.69 9.59 11.94
N TYR A 168 -30.36 8.47 12.11
CA TYR A 168 -29.77 7.46 13.00
C TYR A 168 -30.13 6.08 12.47
N ALA A 169 -29.56 5.06 13.10
CA ALA A 169 -29.90 3.68 12.79
C ALA A 169 -31.03 3.19 13.69
N PHE A 170 -30.80 3.21 15.00
CA PHE A 170 -31.82 2.88 15.99
C PHE A 170 -31.70 3.85 17.15
N LYS A 171 -32.84 4.31 17.65
CA LYS A 171 -32.83 5.26 18.76
C LYS A 171 -32.33 4.59 20.04
N TYR A 172 -31.54 5.33 20.80
CA TYR A 172 -30.90 4.83 22.01
C TYR A 172 -31.35 5.66 23.20
N ALA A 173 -31.74 5.00 24.29
CA ALA A 173 -32.19 5.68 25.49
C ALA A 173 -32.13 4.71 26.67
N ALA A 174 -31.51 5.16 27.76
CA ALA A 174 -31.45 4.40 29.02
C ALA A 174 -30.83 3.02 28.82
N GLY A 175 -29.80 2.95 27.97
CA GLY A 175 -29.12 1.70 27.72
C GLY A 175 -29.86 0.71 26.86
N LYS A 176 -30.93 1.12 26.19
CA LYS A 176 -31.73 0.23 25.37
C LYS A 176 -31.87 0.81 23.97
N TYR A 177 -31.96 -0.07 22.98
CA TYR A 177 -32.21 0.29 21.60
C TYR A 177 -33.63 -0.10 21.22
N ASP A 178 -34.33 0.79 20.55
CA ASP A 178 -35.69 0.55 20.08
C ASP A 178 -35.62 0.11 18.62
N ILE A 179 -35.93 -1.16 18.36
CA ILE A 179 -35.86 -1.70 17.01
C ILE A 179 -36.96 -1.19 16.10
N LYS A 180 -37.96 -0.49 16.65
CA LYS A 180 -39.08 0.03 15.88
C LYS A 180 -38.93 1.48 15.48
N ASP A 181 -37.84 2.14 15.91
CA ASP A 181 -37.58 3.54 15.56
C ASP A 181 -36.27 3.60 14.79
N VAL A 182 -36.36 3.76 13.47
CA VAL A 182 -35.20 3.85 12.60
C VAL A 182 -35.14 5.25 11.99
N GLY A 183 -33.93 5.72 11.76
CA GLY A 183 -33.68 7.08 11.33
C GLY A 183 -33.48 7.27 9.84
N VAL A 184 -33.68 6.24 9.03
CA VAL A 184 -33.74 6.44 7.60
C VAL A 184 -35.08 7.06 7.25
N ASP A 185 -35.10 7.86 6.17
CA ASP A 185 -36.30 8.51 5.66
C ASP A 185 -36.81 9.59 6.62
N ASN A 186 -35.92 10.22 7.38
CA ASN A 186 -36.27 11.41 8.14
C ASN A 186 -35.74 12.65 7.43
N ALA A 187 -36.13 13.82 7.94
CA ALA A 187 -35.85 15.07 7.24
C ALA A 187 -34.34 15.29 7.09
N GLY A 188 -33.57 15.05 8.16
CA GLY A 188 -32.14 15.24 8.09
C GLY A 188 -31.44 14.24 7.17
N ALA A 189 -31.87 12.98 7.22
CA ALA A 189 -31.26 11.96 6.36
C ALA A 189 -31.51 12.26 4.89
N LYS A 190 -32.71 12.75 4.56
CA LYS A 190 -32.99 13.12 3.18
C LYS A 190 -32.09 14.26 2.73
N ALA A 191 -31.87 15.25 3.61
CA ALA A 191 -30.98 16.35 3.27
C ALA A 191 -29.54 15.88 3.10
N GLY A 192 -29.09 14.97 3.97
CA GLY A 192 -27.72 14.49 3.87
C GLY A 192 -27.45 13.73 2.58
N LEU A 193 -28.36 12.82 2.22
CA LEU A 193 -28.19 12.08 0.98
C LEU A 193 -28.39 12.97 -0.24
N THR A 194 -29.27 13.96 -0.14
CA THR A 194 -29.47 14.89 -1.24
C THR A 194 -28.20 15.68 -1.53
N PHE A 195 -27.49 16.09 -0.48
CA PHE A 195 -26.21 16.77 -0.69
C PHE A 195 -25.21 15.84 -1.37
N LEU A 196 -25.20 14.56 -0.97
CA LEU A 196 -24.29 13.60 -1.59
C LEU A 196 -24.59 13.42 -3.07
N VAL A 197 -25.87 13.28 -3.43
CA VAL A 197 -26.21 13.08 -4.83
C VAL A 197 -26.03 14.37 -5.62
N ASP A 198 -26.24 15.53 -4.99
CA ASP A 198 -26.05 16.79 -5.70
C ASP A 198 -24.58 17.03 -6.01
N LEU A 199 -23.66 16.55 -5.17
CA LEU A 199 -22.25 16.61 -5.49
C LEU A 199 -21.95 15.78 -6.72
N ILE A 200 -22.58 14.60 -6.84
CA ILE A 200 -22.37 13.75 -8.00
C ILE A 200 -23.01 14.36 -9.24
N LYS A 201 -24.19 14.96 -9.10
CA LYS A 201 -24.85 15.59 -10.23
C LYS A 201 -24.02 16.76 -10.77
N ASN A 202 -23.39 17.52 -9.87
CA ASN A 202 -22.51 18.61 -10.27
C ASN A 202 -21.08 18.14 -10.56
N LYS A 203 -20.86 16.82 -10.57
CA LYS A 203 -19.59 16.22 -10.99
C LYS A 203 -18.43 16.61 -10.07
N HIS A 204 -18.73 16.93 -8.81
CA HIS A 204 -17.67 17.05 -7.81
C HIS A 204 -17.17 15.70 -7.33
N MET A 205 -17.96 14.65 -7.55
CA MET A 205 -17.63 13.29 -7.13
C MET A 205 -18.28 12.32 -8.10
N ASN A 206 -17.60 11.19 -8.33
CA ASN A 206 -18.13 10.14 -9.18
C ASN A 206 -18.70 9.03 -8.29
N ALA A 207 -19.91 8.58 -8.63
CA ALA A 207 -20.64 7.66 -7.76
C ALA A 207 -20.03 6.26 -7.71
N ASP A 208 -19.25 5.87 -8.72
CA ASP A 208 -18.69 4.54 -8.78
C ASP A 208 -17.38 4.41 -8.00
N THR A 209 -17.03 5.42 -7.20
CA THR A 209 -15.77 5.39 -6.45
C THR A 209 -15.78 4.26 -5.44
N ASP A 210 -14.75 3.42 -5.50
CA ASP A 210 -14.60 2.31 -4.58
C ASP A 210 -13.71 2.71 -3.40
N TYR A 211 -13.55 1.78 -2.46
CA TYR A 211 -12.55 1.98 -1.41
C TYR A 211 -11.14 1.98 -1.99
N SER A 212 -10.85 1.05 -2.89
CA SER A 212 -9.53 1.00 -3.52
C SER A 212 -9.29 2.22 -4.41
N ILE A 213 -10.32 2.64 -5.17
CA ILE A 213 -10.17 3.79 -6.05
C ILE A 213 -9.89 5.05 -5.25
N ALA A 214 -10.63 5.25 -4.15
CA ALA A 214 -10.39 6.41 -3.30
C ALA A 214 -9.01 6.33 -2.64
N GLU A 215 -8.61 5.14 -2.20
CA GLU A 215 -7.31 4.98 -1.56
C GLU A 215 -6.18 5.27 -2.53
N ALA A 216 -6.30 4.77 -3.77
CA ALA A 216 -5.25 4.98 -4.76
C ALA A 216 -5.13 6.45 -5.14
N ALA A 217 -6.27 7.14 -5.30
CA ALA A 217 -6.25 8.53 -5.72
C ALA A 217 -5.55 9.41 -4.68
N PHE A 218 -5.85 9.18 -3.40
CA PHE A 218 -5.22 9.99 -2.35
C PHE A 218 -3.73 9.66 -2.21
N ASN A 219 -3.37 8.38 -2.26
CA ASN A 219 -1.98 7.99 -2.10
C ASN A 219 -1.11 8.51 -3.24
N LYS A 220 -1.70 8.69 -4.42
CA LYS A 220 -0.99 9.24 -5.57
C LYS A 220 -1.13 10.75 -5.68
N GLY A 221 -1.77 11.40 -4.71
CA GLY A 221 -1.90 12.84 -4.71
C GLY A 221 -2.95 13.41 -5.62
N GLU A 222 -3.76 12.56 -6.27
CA GLU A 222 -4.72 13.05 -7.24
C GLU A 222 -5.94 13.69 -6.58
N THR A 223 -6.31 13.27 -5.37
CA THR A 223 -7.39 13.89 -4.63
C THR A 223 -6.85 14.51 -3.35
N ALA A 224 -7.36 15.69 -2.99
CA ALA A 224 -6.87 16.40 -1.83
C ALA A 224 -7.38 15.81 -0.52
N MET A 225 -8.60 15.29 -0.51
CA MET A 225 -9.22 14.79 0.72
C MET A 225 -9.76 13.38 0.51
N THR A 226 -9.76 12.61 1.60
CA THR A 226 -10.42 11.32 1.63
C THR A 226 -10.97 11.11 3.03
N ILE A 227 -11.96 10.22 3.13
CA ILE A 227 -12.57 9.85 4.40
C ILE A 227 -12.29 8.38 4.62
N ASN A 228 -11.58 8.07 5.71
CA ASN A 228 -11.17 6.70 6.00
C ASN A 228 -10.76 6.62 7.47
N GLY A 229 -10.36 5.43 7.90
CA GLY A 229 -10.07 5.18 9.28
C GLY A 229 -8.61 4.91 9.57
N PRO A 230 -8.29 4.62 10.83
CA PRO A 230 -6.88 4.37 11.21
C PRO A 230 -6.26 3.15 10.56
N TRP A 231 -7.07 2.20 10.07
CA TRP A 231 -6.52 0.98 9.49
C TRP A 231 -5.72 1.26 8.22
N ALA A 232 -6.03 2.35 7.52
CA ALA A 232 -5.35 2.70 6.28
C ALA A 232 -4.20 3.68 6.47
N TRP A 233 -3.90 4.07 7.72
CA TRP A 233 -2.84 5.04 7.95
C TRP A 233 -1.48 4.48 7.55
N SER A 234 -1.28 3.16 7.64
CA SER A 234 0.01 2.57 7.31
C SER A 234 0.31 2.70 5.82
N ASN A 235 -0.67 2.39 4.97
CA ASN A 235 -0.44 2.48 3.53
C ASN A 235 -0.22 3.92 3.08
N ILE A 236 -0.95 4.86 3.67
CA ILE A 236 -0.74 6.27 3.36
C ILE A 236 0.63 6.73 3.87
N ASP A 237 0.96 6.26 5.07
CA ASP A 237 2.22 6.67 5.71
C ASP A 237 3.32 6.41 4.69
N THR A 238 3.48 5.13 4.33
CA THR A 238 4.51 4.75 3.35
C THR A 238 4.54 5.84 2.28
N SER A 239 3.39 6.13 1.67
CA SER A 239 3.36 7.12 0.57
C SER A 239 3.71 8.49 1.14
N ALA A 240 4.63 9.18 0.49
CA ALA A 240 4.92 10.55 0.95
C ALA A 240 3.83 11.45 0.38
N VAL A 241 2.68 11.47 1.06
CA VAL A 241 1.58 12.37 0.61
C VAL A 241 1.35 13.40 1.71
N ASN A 242 2.24 13.43 2.71
CA ASN A 242 2.11 14.45 3.80
C ASN A 242 0.82 14.68 4.57
N TYR A 243 0.18 13.60 5.03
CA TYR A 243 -1.23 13.53 5.36
C TYR A 243 -1.47 13.88 6.82
N GLY A 244 -2.57 14.61 7.07
CA GLY A 244 -2.99 14.90 8.41
C GLY A 244 -4.45 14.50 8.59
N VAL A 245 -4.81 14.26 9.85
CA VAL A 245 -6.14 13.78 10.22
C VAL A 245 -6.82 14.88 11.04
N THR A 246 -8.02 15.27 10.63
CA THR A 246 -8.73 16.38 11.24
C THR A 246 -10.19 16.00 11.43
N VAL A 247 -11.00 17.00 11.80
CA VAL A 247 -12.42 16.80 12.01
C VAL A 247 -13.12 16.60 10.67
N LEU A 248 -14.15 15.76 10.68
CA LEU A 248 -15.01 15.63 9.52
C LEU A 248 -15.79 16.93 9.30
N PRO A 249 -16.09 17.27 8.04
CA PRO A 249 -16.76 18.54 7.76
C PRO A 249 -18.17 18.58 8.35
N THR A 250 -18.62 19.79 8.63
CA THR A 250 -19.96 20.02 9.19
C THR A 250 -20.98 20.19 8.06
N PHE A 251 -22.19 19.73 8.32
CA PHE A 251 -23.30 19.85 7.37
C PHE A 251 -24.45 20.58 8.08
N LYS A 252 -24.86 21.71 7.51
CA LYS A 252 -25.93 22.54 8.06
C LYS A 252 -25.65 22.95 9.50
N GLY A 253 -24.38 23.22 9.79
CA GLY A 253 -24.00 23.63 11.13
C GLY A 253 -23.98 22.54 12.16
N GLN A 254 -24.18 21.29 11.75
CA GLN A 254 -24.22 20.16 12.65
C GLN A 254 -23.15 19.14 12.27
N PRO A 255 -22.41 18.62 13.24
CA PRO A 255 -21.24 17.79 12.91
C PRO A 255 -21.62 16.46 12.28
N SER A 256 -20.71 15.94 11.48
CA SER A 256 -20.87 14.60 10.94
C SER A 256 -20.84 13.57 12.06
N LYS A 257 -21.60 12.50 11.89
CA LYS A 257 -21.79 11.48 12.92
C LYS A 257 -21.40 10.12 12.38
N PRO A 258 -20.10 9.82 12.32
CA PRO A 258 -19.67 8.48 11.89
C PRO A 258 -20.00 7.43 12.94
N PHE A 259 -20.15 6.19 12.49
CA PHE A 259 -20.35 5.09 13.40
C PHE A 259 -19.09 4.87 14.23
N VAL A 260 -19.29 4.63 15.52
CA VAL A 260 -18.18 4.50 16.47
C VAL A 260 -18.11 3.06 16.93
N GLY A 261 -16.95 2.44 16.76
CA GLY A 261 -16.72 1.08 17.21
C GLY A 261 -15.75 1.02 18.38
N VAL A 262 -16.23 0.58 19.53
CA VAL A 262 -15.46 0.60 20.77
C VAL A 262 -15.04 -0.83 21.10
N LEU A 263 -13.73 -1.04 21.26
CA LEU A 263 -13.25 -2.33 21.73
C LEU A 263 -13.61 -2.50 23.21
N SER A 264 -14.14 -3.67 23.55
CA SER A 264 -14.71 -3.89 24.86
C SER A 264 -14.25 -5.23 25.41
N ALA A 265 -14.23 -5.33 26.74
CA ALA A 265 -13.83 -6.54 27.45
C ALA A 265 -14.99 -7.02 28.29
N GLY A 266 -15.52 -8.21 27.96
CA GLY A 266 -16.62 -8.81 28.68
C GLY A 266 -16.19 -10.03 29.48
N ILE A 267 -17.08 -10.45 30.38
CA ILE A 267 -16.83 -11.57 31.27
C ILE A 267 -17.90 -12.62 31.03
N ASN A 268 -17.48 -13.88 30.86
CA ASN A 268 -18.42 -14.97 30.67
C ASN A 268 -19.29 -15.14 31.90
N ALA A 269 -20.60 -15.34 31.68
CA ALA A 269 -21.51 -15.61 32.77
C ALA A 269 -21.26 -16.97 33.41
N ALA A 270 -20.62 -17.89 32.67
CA ALA A 270 -20.28 -19.21 33.20
C ALA A 270 -18.92 -19.23 33.88
N SER A 271 -18.19 -18.12 33.87
CA SER A 271 -16.86 -18.08 34.47
C SER A 271 -16.96 -18.05 35.99
N PRO A 272 -16.32 -18.98 36.70
CA PRO A 272 -16.26 -18.90 38.17
C PRO A 272 -15.22 -17.91 38.68
N ASN A 273 -14.50 -17.23 37.78
CA ASN A 273 -13.45 -16.29 38.14
C ASN A 273 -13.85 -14.86 37.81
N LYS A 274 -15.13 -14.52 38.01
CA LYS A 274 -15.61 -13.19 37.66
C LYS A 274 -14.91 -12.11 38.47
N GLU A 275 -14.76 -12.32 39.78
CA GLU A 275 -14.13 -11.31 40.63
C GLU A 275 -12.65 -11.18 40.32
N LEU A 276 -11.98 -12.29 40.04
CA LEU A 276 -10.57 -12.23 39.62
C LEU A 276 -10.42 -11.51 38.30
N ALA A 277 -11.35 -11.75 37.36
CA ALA A 277 -11.30 -11.07 36.07
C ALA A 277 -11.50 -9.56 36.24
N LYS A 278 -12.41 -9.15 37.12
CA LYS A 278 -12.65 -7.73 37.33
C LYS A 278 -11.40 -7.05 37.91
N GLU A 279 -10.69 -7.74 38.81
CA GLU A 279 -9.46 -7.18 39.36
C GLU A 279 -8.41 -6.98 38.28
N PHE A 280 -8.29 -7.94 37.36
CA PHE A 280 -7.32 -7.81 36.27
C PHE A 280 -7.65 -6.63 35.37
N LEU A 281 -8.92 -6.49 34.99
CA LEU A 281 -9.29 -5.44 34.04
C LEU A 281 -9.26 -4.06 34.68
N GLU A 282 -9.82 -3.93 35.89
CA GLU A 282 -9.94 -2.61 36.50
C GLU A 282 -8.60 -2.11 37.04
N ASN A 283 -7.82 -2.99 37.67
CA ASN A 283 -6.63 -2.56 38.40
C ASN A 283 -5.35 -2.73 37.61
N TYR A 284 -5.33 -3.58 36.59
CA TYR A 284 -4.11 -3.85 35.83
C TYR A 284 -4.20 -3.45 34.37
N LEU A 285 -5.23 -3.90 33.65
CA LEU A 285 -5.32 -3.61 32.23
C LEU A 285 -5.69 -2.15 31.98
N LEU A 286 -6.82 -1.70 32.56
CA LEU A 286 -7.29 -0.34 32.32
C LEU A 286 -6.53 0.65 33.18
N THR A 287 -5.20 0.60 33.12
CA THR A 287 -4.31 1.58 33.72
C THR A 287 -3.38 2.10 32.63
N ASP A 288 -2.69 3.21 32.95
CA ASP A 288 -1.76 3.77 31.98
C ASP A 288 -0.63 2.79 31.67
N GLU A 289 -0.17 2.06 32.68
CA GLU A 289 0.91 1.10 32.47
C GLU A 289 0.45 -0.09 31.62
N GLY A 290 -0.70 -0.65 31.96
CA GLY A 290 -1.19 -1.82 31.23
C GLY A 290 -1.54 -1.52 29.79
N LEU A 291 -2.22 -0.40 29.55
CA LEU A 291 -2.60 -0.05 28.19
C LEU A 291 -1.39 0.27 27.32
N GLU A 292 -0.31 0.76 27.93
CA GLU A 292 0.91 1.01 27.17
C GLU A 292 1.52 -0.31 26.66
N ALA A 293 1.45 -1.37 27.47
CA ALA A 293 1.95 -2.67 27.04
C ALA A 293 1.18 -3.19 25.83
N VAL A 294 -0.14 -3.02 25.84
CA VAL A 294 -0.95 -3.40 24.69
C VAL A 294 -0.69 -2.44 23.53
N ASN A 295 -0.53 -1.15 23.83
CA ASN A 295 -0.32 -0.15 22.79
C ASN A 295 0.95 -0.41 22.00
N LYS A 296 2.01 -0.87 22.67
CA LYS A 296 3.27 -1.09 21.98
C LYS A 296 3.19 -2.26 21.01
N ASP A 297 2.50 -3.34 21.39
CA ASP A 297 2.40 -4.49 20.48
C ASP A 297 1.58 -4.14 19.24
N LYS A 298 0.43 -3.50 19.43
CA LYS A 298 -0.37 -2.93 18.35
C LYS A 298 -0.90 -1.58 18.82
N PRO A 299 -0.98 -0.59 17.91
CA PRO A 299 -1.15 0.81 18.36
C PRO A 299 -2.45 1.10 19.12
N LEU A 300 -3.50 0.30 18.93
CA LEU A 300 -4.73 0.34 19.71
C LEU A 300 -5.53 1.62 19.53
N GLY A 301 -5.03 2.60 18.78
CA GLY A 301 -5.77 3.82 18.49
C GLY A 301 -6.08 4.63 19.74
N ALA A 302 -7.20 5.35 19.68
CA ALA A 302 -7.68 6.10 20.83
C ALA A 302 -8.19 5.15 21.91
N VAL A 303 -8.11 5.59 23.16
CA VAL A 303 -8.33 4.73 24.32
C VAL A 303 -9.39 5.36 25.21
N ALA A 304 -10.24 4.50 25.79
CA ALA A 304 -11.32 4.97 26.66
C ALA A 304 -10.79 5.59 27.96
N LEU A 305 -9.64 5.13 28.44
CA LEU A 305 -9.08 5.69 29.67
C LEU A 305 -8.61 7.12 29.42
N LYS A 306 -9.20 8.07 30.16
CA LYS A 306 -8.91 9.48 29.91
C LYS A 306 -7.43 9.80 30.11
N SER A 307 -6.81 9.20 31.13
CA SER A 307 -5.42 9.49 31.44
C SER A 307 -4.51 9.14 30.27
N TYR A 308 -4.65 7.93 29.73
CA TYR A 308 -3.80 7.53 28.61
C TYR A 308 -4.23 8.19 27.31
N GLU A 309 -5.53 8.50 27.16
CA GLU A 309 -5.99 9.18 25.96
C GLU A 309 -5.39 10.57 25.85
N GLU A 310 -5.30 11.30 26.96
CA GLU A 310 -4.70 12.63 26.93
C GLU A 310 -3.23 12.56 26.54
N GLU A 311 -2.53 11.50 26.98
CA GLU A 311 -1.16 11.28 26.53
C GLU A 311 -1.14 10.89 25.06
N LEU A 312 -2.03 9.99 24.64
CA LEU A 312 -2.06 9.55 23.25
C LEU A 312 -2.60 10.62 22.31
N ALA A 313 -3.34 11.60 22.83
CA ALA A 313 -3.86 12.68 22.01
C ALA A 313 -2.77 13.63 21.52
N LYS A 314 -1.54 13.51 22.03
CA LYS A 314 -0.44 14.32 21.53
C LYS A 314 -0.24 14.11 20.04
N ASP A 315 -0.46 12.90 19.55
CA ASP A 315 -0.52 12.67 18.12
C ASP A 315 -1.82 13.24 17.59
N PRO A 316 -1.79 14.20 16.66
CA PRO A 316 -3.05 14.80 16.18
C PRO A 316 -3.98 13.80 15.52
N ARG A 317 -3.45 12.72 14.95
CA ARG A 317 -4.30 11.72 14.31
C ARG A 317 -5.21 11.04 15.32
N ILE A 318 -4.67 10.66 16.48
CA ILE A 318 -5.47 9.99 17.49
C ILE A 318 -6.50 10.94 18.09
N ALA A 319 -6.10 12.20 18.32
CA ALA A 319 -7.02 13.17 18.89
C ALA A 319 -8.20 13.42 17.96
N ALA A 320 -7.95 13.43 16.65
CA ALA A 320 -9.03 13.61 15.69
C ALA A 320 -9.98 12.42 15.69
N THR A 321 -9.45 11.20 15.84
CA THR A 321 -10.29 10.02 15.88
C THR A 321 -11.24 10.06 17.07
N MET A 322 -10.74 10.46 18.25
CA MET A 322 -11.60 10.58 19.42
C MET A 322 -12.64 11.69 19.24
N GLU A 323 -12.24 12.81 18.63
CA GLU A 323 -13.16 13.93 18.44
C GLU A 323 -14.32 13.54 17.52
N ASN A 324 -14.02 12.87 16.41
CA ASN A 324 -15.09 12.40 15.53
C ASN A 324 -15.93 11.32 16.20
N ALA A 325 -15.31 10.48 17.03
CA ALA A 325 -16.07 9.47 17.76
C ALA A 325 -17.05 10.11 18.73
N GLN A 326 -16.60 11.16 19.44
CA GLN A 326 -17.49 11.83 20.39
C GLN A 326 -18.64 12.51 19.67
N LYS A 327 -18.39 13.07 18.49
CA LYS A 327 -19.44 13.67 17.68
C LYS A 327 -20.26 12.63 16.92
N GLY A 328 -19.80 11.39 16.86
CA GLY A 328 -20.42 10.37 16.05
C GLY A 328 -21.54 9.64 16.77
N GLU A 329 -22.03 8.59 16.10
CA GLU A 329 -23.10 7.74 16.61
C GLU A 329 -22.51 6.38 16.96
N ILE A 330 -22.72 5.94 18.20
CA ILE A 330 -22.27 4.62 18.61
C ILE A 330 -23.02 3.58 17.81
N MET A 331 -22.28 2.69 17.15
CA MET A 331 -22.92 1.67 16.34
C MET A 331 -23.75 0.74 17.22
N PRO A 332 -25.03 0.53 16.91
CA PRO A 332 -25.89 -0.26 17.80
C PRO A 332 -25.35 -1.67 17.99
N ASN A 333 -25.44 -2.15 19.23
CA ASN A 333 -24.97 -3.47 19.60
C ASN A 333 -26.03 -4.55 19.43
N ILE A 334 -27.24 -4.18 19.03
CA ILE A 334 -28.32 -5.15 18.81
C ILE A 334 -28.04 -5.92 17.53
N PRO A 335 -28.48 -7.18 17.42
CA PRO A 335 -28.27 -7.93 16.18
C PRO A 335 -29.13 -7.47 15.02
N GLN A 336 -30.11 -6.60 15.25
CA GLN A 336 -31.00 -6.15 14.19
C GLN A 336 -30.35 -5.17 13.22
N MET A 337 -29.07 -4.82 13.43
CA MET A 337 -28.38 -3.95 12.47
C MET A 337 -28.19 -4.62 11.12
N SER A 338 -28.36 -5.93 11.03
CA SER A 338 -28.28 -6.62 9.74
C SER A 338 -29.30 -6.06 8.76
N ALA A 339 -30.49 -5.70 9.25
CA ALA A 339 -31.48 -5.05 8.41
C ALA A 339 -31.00 -3.68 7.93
N PHE A 340 -30.35 -2.93 8.83
CA PHE A 340 -29.93 -1.58 8.50
C PHE A 340 -28.91 -1.59 7.36
N TRP A 341 -27.92 -2.48 7.43
CA TRP A 341 -26.87 -2.49 6.43
C TRP A 341 -27.40 -2.86 5.05
N TYR A 342 -28.31 -3.83 4.99
CA TYR A 342 -28.84 -4.25 3.69
C TYR A 342 -29.67 -3.15 3.04
N ALA A 343 -30.56 -2.52 3.81
CA ALA A 343 -31.48 -1.55 3.23
C ALA A 343 -30.75 -0.26 2.84
N VAL A 344 -29.86 0.24 3.72
CA VAL A 344 -29.21 1.51 3.47
C VAL A 344 -28.21 1.39 2.31
N ARG A 345 -27.50 0.27 2.23
CA ARG A 345 -26.49 0.11 1.18
C ARG A 345 -27.12 0.19 -0.20
N THR A 346 -28.23 -0.50 -0.41
CA THR A 346 -28.88 -0.47 -1.72
C THR A 346 -29.53 0.88 -2.00
N ALA A 347 -30.12 1.50 -0.98
CA ALA A 347 -30.80 2.78 -1.18
C ALA A 347 -29.82 3.88 -1.55
N VAL A 348 -28.66 3.94 -0.88
CA VAL A 348 -27.68 4.97 -1.17
C VAL A 348 -27.13 4.80 -2.58
N ILE A 349 -26.85 3.56 -2.99
CA ILE A 349 -26.35 3.30 -4.33
C ILE A 349 -27.38 3.71 -5.38
N ASN A 350 -28.64 3.36 -5.16
CA ASN A 350 -29.69 3.70 -6.12
C ASN A 350 -29.85 5.21 -6.26
N ALA A 351 -29.81 5.94 -5.14
CA ALA A 351 -29.98 7.38 -5.19
C ALA A 351 -28.78 8.07 -5.84
N ALA A 352 -27.57 7.63 -5.48
CA ALA A 352 -26.37 8.24 -6.05
C ALA A 352 -26.27 8.01 -7.55
N SER A 353 -26.61 6.81 -8.00
CA SER A 353 -26.56 6.51 -9.43
C SER A 353 -27.63 7.25 -10.22
N GLY A 354 -28.73 7.65 -9.57
CA GLY A 354 -29.83 8.26 -10.26
C GLY A 354 -30.94 7.32 -10.66
N ARG A 355 -30.79 6.02 -10.42
CA ARG A 355 -31.84 5.07 -10.73
C ARG A 355 -33.06 5.21 -9.82
N GLN A 356 -32.93 5.94 -8.71
CA GLN A 356 -34.03 6.12 -7.78
C GLN A 356 -33.87 7.46 -7.08
N THR A 357 -35.00 8.08 -6.75
CA THR A 357 -34.96 9.37 -6.06
C THR A 357 -34.58 9.15 -4.59
N VAL A 358 -34.09 10.23 -3.98
CA VAL A 358 -33.64 10.15 -2.58
C VAL A 358 -34.80 9.80 -1.67
N ASP A 359 -35.92 10.50 -1.83
CA ASP A 359 -37.05 10.28 -0.93
C ASP A 359 -37.65 8.88 -1.09
N GLU A 360 -37.74 8.39 -2.33
CA GLU A 360 -38.28 7.06 -2.54
C GLU A 360 -37.33 5.98 -2.03
N ALA A 361 -36.02 6.19 -2.22
CA ALA A 361 -35.04 5.20 -1.77
C ALA A 361 -35.04 5.06 -0.26
N LEU A 362 -35.06 6.20 0.45
CA LEU A 362 -35.08 6.15 1.91
C LEU A 362 -36.41 5.64 2.44
N LYS A 363 -37.51 5.97 1.77
CA LYS A 363 -38.81 5.45 2.18
C LYS A 363 -38.86 3.93 2.08
N ASP A 364 -38.35 3.37 0.99
CA ASP A 364 -38.29 1.92 0.85
C ASP A 364 -37.27 1.32 1.81
N ALA A 365 -36.20 2.06 2.12
CA ALA A 365 -35.21 1.56 3.06
C ALA A 365 -35.78 1.45 4.47
N GLN A 366 -36.45 2.50 4.93
CA GLN A 366 -37.06 2.44 6.27
C GLN A 366 -38.14 1.37 6.33
N THR A 367 -38.93 1.24 5.26
CA THR A 367 -39.97 0.21 5.23
C THR A 367 -39.37 -1.18 5.35
N ALA A 368 -38.26 -1.44 4.64
CA ALA A 368 -37.62 -2.75 4.69
C ALA A 368 -36.83 -2.93 5.98
N ALA A 369 -36.17 -1.88 6.47
CA ALA A 369 -35.31 -2.00 7.65
C ALA A 369 -36.13 -2.38 8.88
N ARG A 370 -37.27 -1.71 9.08
CA ARG A 370 -38.12 -2.05 10.22
C ARG A 370 -38.70 -3.45 10.08
N ALA A 371 -39.00 -3.87 8.86
CA ALA A 371 -39.59 -5.19 8.64
C ALA A 371 -38.63 -6.31 9.03
N PHE A 372 -37.39 -6.25 8.53
CA PHE A 372 -36.41 -7.26 8.88
C PHE A 372 -35.96 -7.16 10.33
N ALA A 373 -36.14 -5.99 10.96
CA ALA A 373 -35.84 -5.87 12.38
C ALA A 373 -36.73 -6.80 13.19
N ALA A 374 -38.01 -6.88 12.86
CA ALA A 374 -38.86 -7.92 13.39
C ALA A 374 -38.58 -9.23 12.66
N ALA A 375 -38.87 -10.35 13.34
CA ALA A 375 -38.66 -11.70 12.87
C ALA A 375 -37.17 -12.05 12.83
N GLY A 376 -36.35 -11.06 13.15
CA GLY A 376 -34.91 -11.27 13.26
C GLY A 376 -34.34 -12.10 12.13
N SER A 377 -34.58 -11.67 10.90
CA SER A 377 -34.11 -12.53 9.80
C SER A 377 -33.86 -11.67 8.57
N MET A 378 -32.89 -12.08 7.75
CA MET A 378 -32.70 -11.38 6.47
C MET A 378 -33.54 -12.15 5.46
N SER A 379 -34.32 -13.10 5.97
CA SER A 379 -35.23 -13.89 5.10
C SER A 379 -36.51 -13.11 4.86
N SER A 380 -37.12 -13.32 3.69
CA SER A 380 -38.34 -12.58 3.31
C SER A 380 -39.59 -13.35 3.74
N LYS A 381 -39.42 -14.61 4.13
CA LYS A 381 -40.56 -15.44 4.49
C LYS A 381 -41.30 -14.82 5.68
N GLY A 382 -42.63 -14.74 5.57
CA GLY A 382 -43.45 -14.23 6.64
C GLY A 382 -43.53 -12.72 6.73
N LEU A 383 -42.88 -11.99 5.84
CA LEU A 383 -42.93 -10.54 5.87
C LEU A 383 -44.24 -10.04 5.25
N SER A 384 -44.48 -8.74 5.41
CA SER A 384 -45.67 -8.12 4.87
C SER A 384 -45.53 -7.87 3.37
N ALA A 385 -46.67 -7.63 2.72
CA ALA A 385 -46.66 -7.30 1.31
C ALA A 385 -45.94 -5.97 1.05
N VAL A 386 -46.14 -5.00 1.95
CA VAL A 386 -45.50 -3.70 1.79
C VAL A 386 -43.99 -3.84 1.87
N ALA A 387 -43.51 -4.66 2.79
CA ALA A 387 -42.06 -4.85 2.96
C ALA A 387 -41.43 -5.43 1.70
N ARG A 388 -42.05 -6.48 1.14
CA ARG A 388 -41.47 -7.13 -0.02
C ARG A 388 -41.58 -6.26 -1.27
N THR A 389 -42.64 -5.46 -1.39
CA THR A 389 -42.71 -4.51 -2.50
C THR A 389 -41.62 -3.46 -2.40
N ALA A 390 -41.34 -2.98 -1.18
CA ALA A 390 -40.22 -2.05 -0.98
C ALA A 390 -38.89 -2.72 -1.26
N LYS A 391 -38.72 -3.97 -0.83
CA LYS A 391 -37.49 -4.70 -1.13
C LYS A 391 -37.33 -4.88 -2.64
N PHE A 392 -38.44 -5.09 -3.35
CA PHE A 392 -38.38 -5.21 -4.80
C PHE A 392 -37.88 -3.91 -5.44
N ALA A 393 -38.34 -2.77 -4.95
CA ALA A 393 -37.91 -1.49 -5.50
C ALA A 393 -36.42 -1.26 -5.27
N LEU A 394 -35.92 -1.62 -4.10
CA LEU A 394 -34.49 -1.46 -3.83
C LEU A 394 -33.66 -2.36 -4.74
N SER A 395 -34.13 -3.59 -4.99
CA SER A 395 -33.38 -4.53 -5.81
C SER A 395 -33.44 -4.15 -7.29
N HIS A 396 -34.61 -3.73 -7.77
CA HIS A 396 -34.82 -3.37 -9.17
C HIS A 396 -35.47 -2.00 -9.23
N PRO A 397 -34.68 -0.93 -9.09
CA PRO A 397 -35.25 0.42 -9.01
C PRO A 397 -35.90 0.91 -10.29
N LEU A 398 -35.18 0.82 -11.42
CA LEU A 398 -35.72 1.35 -12.68
C LEU A 398 -36.97 0.60 -13.11
N ILE A 399 -36.97 -0.73 -12.97
CA ILE A 399 -38.12 -1.53 -13.36
C ILE A 399 -39.32 -1.18 -12.49
N ALA A 400 -39.09 -0.94 -11.20
CA ALA A 400 -40.19 -0.55 -10.30
C ALA A 400 -40.78 0.81 -10.70
N ALA A 401 -39.98 1.67 -11.33
CA ALA A 401 -40.53 2.92 -11.83
C ALA A 401 -41.50 2.67 -13.00
N GLU A 402 -41.11 1.78 -13.92
CA GLU A 402 -42.01 1.42 -15.01
C GLU A 402 -43.25 0.70 -14.50
N ILE A 403 -43.08 -0.21 -13.53
CA ILE A 403 -44.21 -0.89 -12.90
C ILE A 403 -44.63 0.00 -11.73
N GLY A 404 -45.40 1.03 -12.05
CA GLY A 404 -45.74 2.04 -11.08
C GLY A 404 -46.95 1.66 -10.25
N TYR A 405 -47.61 2.69 -9.72
CA TYR A 405 -48.87 2.56 -9.03
C TYR A 405 -49.89 3.49 -9.68
N TRP A 406 -51.16 3.26 -9.38
CA TRP A 406 -52.23 3.96 -10.09
C TRP A 406 -52.16 5.46 -9.84
N ILE A 407 -51.91 6.21 -10.91
CA ILE A 407 -51.89 7.67 -10.88
C ILE A 407 -52.79 8.16 -12.02
N LYS A 408 -53.67 9.11 -11.71
CA LYS A 408 -54.61 9.61 -12.71
C LYS A 408 -53.86 10.19 -13.91
N GLY A 409 -54.06 9.58 -15.07
CA GLY A 409 -53.48 10.05 -16.31
C GLY A 409 -52.06 9.61 -16.57
N SER A 410 -51.46 8.82 -15.68
CA SER A 410 -50.10 8.36 -15.87
C SER A 410 -50.03 7.30 -16.96
N THR A 411 -48.87 7.19 -17.59
CA THR A 411 -48.64 6.26 -18.69
C THR A 411 -47.80 5.06 -18.30
N ASN A 412 -47.74 4.74 -17.00
CA ASN A 412 -46.98 3.60 -16.54
C ASN A 412 -47.74 2.30 -16.79
N ILE A 413 -47.06 1.18 -16.59
CA ILE A 413 -47.65 -0.13 -16.88
C ILE A 413 -48.85 -0.40 -15.99
N SER A 414 -48.73 -0.11 -14.69
CA SER A 414 -49.80 -0.44 -13.75
C SER A 414 -51.07 0.35 -14.04
N THR A 415 -50.93 1.64 -14.35
CA THR A 415 -52.11 2.46 -14.63
C THR A 415 -52.70 2.17 -16.01
N ASN A 416 -51.85 1.88 -17.00
CA ASN A 416 -52.35 1.57 -18.33
C ASN A 416 -53.21 0.31 -18.32
N ALA A 417 -52.84 -0.68 -17.51
CA ALA A 417 -53.64 -1.89 -17.41
C ALA A 417 -55.03 -1.59 -16.86
N VAL A 418 -55.13 -0.69 -15.88
CA VAL A 418 -56.43 -0.30 -15.34
C VAL A 418 -57.28 0.36 -16.42
N ARG A 419 -56.65 1.19 -17.26
CA ARG A 419 -57.38 1.87 -18.32
C ARG A 419 -57.98 0.87 -19.31
N PHE A 420 -57.26 -0.21 -19.59
CA PHE A 420 -57.79 -1.25 -20.47
C PHE A 420 -58.97 -1.97 -19.84
N ALA A 421 -58.83 -2.36 -18.57
CA ALA A 421 -59.84 -3.22 -17.94
C ALA A 421 -61.11 -2.45 -17.62
N THR A 422 -61.00 -1.19 -17.20
CA THR A 422 -62.15 -0.39 -16.81
C THR A 422 -62.74 0.40 -17.98
N ARG A 423 -62.62 -0.10 -19.19
CA ARG A 423 -63.11 0.60 -20.37
C ARG A 423 -64.62 0.43 -20.48
N ASN A 424 -65.34 1.56 -20.37
CA ASN A 424 -66.79 1.60 -20.54
C ASN A 424 -67.54 0.75 -19.51
N ASP A 425 -66.87 0.40 -18.40
CA ASP A 425 -67.47 -0.42 -17.34
C ASP A 425 -68.00 -1.74 -17.90
N VAL A 426 -67.36 -2.25 -18.95
CA VAL A 426 -67.79 -3.50 -19.56
C VAL A 426 -67.59 -4.66 -18.58
N LEU A 427 -66.43 -4.72 -17.93
CA LEU A 427 -66.13 -5.78 -17.00
C LEU A 427 -66.79 -5.53 -15.64
N SER A 428 -67.13 -6.62 -14.97
CA SER A 428 -67.73 -6.53 -13.64
C SER A 428 -66.73 -5.94 -12.66
N GLY A 429 -67.19 -4.96 -11.88
CA GLY A 429 -66.31 -4.27 -10.96
C GLY A 429 -66.34 -4.83 -9.55
N GLY A 430 -65.30 -4.52 -8.80
CA GLY A 430 -65.17 -4.96 -7.42
C GLY A 430 -64.10 -6.02 -7.27
N ASP A 431 -63.74 -6.27 -6.01
CA ASP A 431 -62.77 -7.30 -5.69
C ASP A 431 -63.32 -8.68 -6.02
N GLY A 432 -62.47 -9.55 -6.56
CA GLY A 432 -62.91 -10.86 -6.97
C GLY A 432 -63.92 -10.82 -8.10
N ALA A 433 -63.68 -9.98 -9.11
CA ALA A 433 -64.60 -9.84 -10.22
C ALA A 433 -63.87 -9.89 -11.56
N GLU A 434 -64.58 -9.59 -12.64
CA GLU A 434 -63.99 -9.68 -13.98
C GLU A 434 -62.92 -8.63 -14.20
N SER A 435 -63.16 -7.39 -13.73
CA SER A 435 -62.19 -6.32 -13.96
C SER A 435 -60.88 -6.60 -13.22
N ASN A 436 -60.96 -7.11 -11.99
CA ASN A 436 -59.75 -7.44 -11.25
C ASN A 436 -58.95 -8.54 -11.94
N ALA A 437 -59.66 -9.54 -12.48
CA ALA A 437 -58.97 -10.63 -13.18
C ALA A 437 -58.23 -10.13 -14.40
N PHE A 438 -58.85 -9.24 -15.18
CA PHE A 438 -58.20 -8.73 -16.38
C PHE A 438 -56.99 -7.86 -16.03
N ARG A 439 -57.09 -7.05 -14.98
CA ARG A 439 -55.95 -6.22 -14.57
C ARG A 439 -54.75 -7.06 -14.22
N HIS A 440 -54.92 -8.03 -13.32
CA HIS A 440 -53.79 -8.84 -12.86
C HIS A 440 -53.19 -9.65 -14.00
N THR A 441 -54.04 -10.23 -14.85
CA THR A 441 -53.53 -11.06 -15.94
C THR A 441 -52.75 -10.23 -16.96
N LEU A 442 -53.28 -9.07 -17.33
CA LEU A 442 -52.56 -8.19 -18.25
C LEU A 442 -51.33 -7.60 -17.61
N TRP A 443 -51.44 -7.21 -16.33
CA TRP A 443 -50.30 -6.61 -15.63
C TRP A 443 -49.13 -7.57 -15.56
N GLN A 444 -49.39 -8.84 -15.23
CA GLN A 444 -48.33 -9.84 -15.22
C GLN A 444 -47.87 -10.20 -16.63
N SER A 445 -48.79 -10.14 -17.60
CA SER A 445 -48.43 -10.51 -18.97
C SER A 445 -47.40 -9.55 -19.56
N TYR A 446 -47.61 -8.25 -19.38
CA TYR A 446 -46.71 -7.27 -19.99
C TYR A 446 -45.37 -7.22 -19.27
N ILE A 447 -45.37 -7.34 -17.94
CA ILE A 447 -44.12 -7.38 -17.20
C ILE A 447 -43.29 -8.58 -17.60
N THR A 448 -43.92 -9.74 -17.75
CA THR A 448 -43.22 -10.92 -18.23
C THR A 448 -42.70 -10.71 -19.64
N ASN A 449 -43.49 -10.04 -20.49
CA ASN A 449 -43.12 -9.88 -21.89
C ASN A 449 -41.90 -9.00 -22.06
N ARG A 450 -41.67 -8.06 -21.15
CA ARG A 450 -40.58 -7.10 -21.30
C ARG A 450 -39.42 -7.31 -20.32
N HIS A 451 -39.64 -8.02 -19.21
CA HIS A 451 -38.60 -8.10 -18.19
C HIS A 451 -38.23 -9.54 -17.82
N GLY A 452 -39.21 -10.44 -17.86
CA GLY A 452 -38.95 -11.85 -17.62
C GLY A 452 -39.94 -12.46 -16.64
N ILE A 453 -39.86 -13.78 -16.55
CA ILE A 453 -40.77 -14.54 -15.69
C ILE A 453 -40.43 -14.32 -14.22
N GLU A 454 -39.14 -14.34 -13.87
CA GLU A 454 -38.75 -14.26 -12.47
C GLU A 454 -38.96 -12.86 -11.89
N ILE A 455 -38.79 -11.82 -12.71
CA ILE A 455 -39.09 -10.47 -12.24
C ILE A 455 -40.60 -10.31 -12.02
N ALA A 456 -41.40 -10.94 -12.89
CA ALA A 456 -42.85 -10.83 -12.76
C ALA A 456 -43.37 -11.60 -11.54
N THR A 457 -42.83 -12.80 -11.29
CA THR A 457 -43.29 -13.56 -10.14
C THR A 457 -42.84 -12.94 -8.83
N SER A 458 -41.74 -12.18 -8.85
CA SER A 458 -41.30 -11.49 -7.64
C SER A 458 -42.25 -10.37 -7.26
N ILE A 459 -42.60 -9.52 -8.24
CA ILE A 459 -43.50 -8.39 -7.96
C ILE A 459 -44.91 -8.90 -7.69
N GLY A 460 -45.34 -9.94 -8.42
CA GLY A 460 -46.68 -10.47 -8.20
C GLY A 460 -46.85 -11.10 -6.83
N ASN A 461 -45.86 -11.88 -6.39
CA ASN A 461 -45.92 -12.49 -5.07
C ASN A 461 -45.67 -11.47 -3.96
N ALA A 462 -44.94 -10.39 -4.25
CA ALA A 462 -44.69 -9.37 -3.25
C ALA A 462 -45.98 -8.66 -2.84
N HIS A 463 -46.86 -8.38 -3.80
CA HIS A 463 -48.11 -7.69 -3.49
C HIS A 463 -49.09 -8.55 -2.73
N GLU A 464 -48.84 -9.85 -2.61
CA GLU A 464 -49.69 -10.76 -1.86
C GLU A 464 -49.07 -11.02 -0.50
N GLU A 465 -49.89 -10.98 0.55
CA GLU A 465 -49.39 -11.08 1.91
C GLU A 465 -48.71 -12.43 2.14
N ASN A 466 -49.39 -13.52 1.77
CA ASN A 466 -48.83 -14.87 1.87
C ASN A 466 -48.81 -15.47 0.46
N PRO A 467 -47.69 -15.36 -0.25
CA PRO A 467 -47.63 -15.91 -1.62
C PRO A 467 -47.46 -17.42 -1.67
N ASP A 468 -47.24 -18.07 -0.53
CA ASP A 468 -47.06 -19.52 -0.48
C ASP A 468 -48.34 -20.25 -0.08
N VAL A 469 -49.50 -19.59 -0.20
CA VAL A 469 -50.76 -20.24 0.10
C VAL A 469 -50.98 -21.41 -0.86
N ASN A 470 -51.45 -22.53 -0.30
CA ASN A 470 -51.76 -23.69 -1.12
C ASN A 470 -52.84 -23.34 -2.14
N LEU A 471 -52.47 -23.39 -3.42
CA LEU A 471 -53.39 -23.03 -4.49
C LEU A 471 -54.38 -24.12 -4.82
N ARG A 472 -54.23 -25.32 -4.23
CA ARG A 472 -55.18 -26.39 -4.48
C ARG A 472 -56.55 -26.08 -3.88
N ASN A 473 -56.58 -25.45 -2.71
CA ASN A 473 -57.83 -25.11 -2.07
C ASN A 473 -58.54 -24.01 -2.84
N ARG A 474 -59.86 -24.17 -2.99
CA ARG A 474 -60.68 -23.19 -3.69
C ARG A 474 -61.86 -22.69 -2.85
N ARG A 475 -61.96 -23.09 -1.59
CA ARG A 475 -62.98 -22.62 -0.68
C ARG A 475 -62.32 -21.79 0.42
N PHE A 476 -62.84 -20.58 0.64
CA PHE A 476 -62.24 -19.65 1.59
C PHE A 476 -63.33 -19.05 2.47
N ARG A 477 -62.99 -18.84 3.75
CA ARG A 477 -63.95 -18.28 4.69
C ARG A 477 -64.23 -16.81 4.40
N THR A 478 -63.22 -16.07 3.96
CA THR A 478 -63.36 -14.65 3.67
C THR A 478 -63.08 -14.39 2.20
N GLN A 479 -63.71 -13.35 1.66
CA GLN A 479 -63.46 -12.98 0.26
C GLN A 479 -62.03 -12.50 0.06
N LEU A 480 -61.45 -11.85 1.08
CA LEU A 480 -60.06 -11.42 0.98
C LEU A 480 -59.13 -12.62 0.83
N ASP A 481 -59.40 -13.71 1.55
CA ASP A 481 -58.64 -14.93 1.36
C ASP A 481 -58.84 -15.47 -0.05
N ALA A 482 -60.08 -15.42 -0.56
CA ALA A 482 -60.35 -15.90 -1.90
C ALA A 482 -59.62 -15.07 -2.96
N ASP A 483 -59.64 -13.75 -2.81
CA ASP A 483 -59.03 -12.88 -3.81
C ASP A 483 -57.52 -13.06 -3.86
N GLN A 484 -56.91 -13.49 -2.76
CA GLN A 484 -55.46 -13.73 -2.75
C GLN A 484 -55.09 -14.87 -3.69
N THR A 485 -55.80 -15.99 -3.60
CA THR A 485 -55.54 -17.11 -4.52
C THR A 485 -55.95 -16.76 -5.94
N ILE A 486 -57.01 -15.98 -6.11
CA ILE A 486 -57.43 -15.56 -7.45
C ILE A 486 -56.32 -14.78 -8.13
N ASP A 487 -55.70 -13.84 -7.41
CA ASP A 487 -54.58 -13.09 -7.97
C ASP A 487 -53.38 -14.00 -8.24
N LEU A 488 -53.08 -14.91 -7.31
CA LEU A 488 -51.94 -15.80 -7.50
C LEU A 488 -52.12 -16.69 -8.73
N LEU A 489 -53.33 -17.24 -8.91
CA LEU A 489 -53.58 -18.10 -10.06
C LEU A 489 -53.60 -17.28 -11.35
N ASN A 490 -54.24 -16.11 -11.34
CA ASN A 490 -54.31 -15.28 -12.54
C ASN A 490 -52.94 -14.68 -12.88
N ASN A 491 -52.06 -14.53 -11.90
CA ASN A 491 -50.69 -14.12 -12.21
C ASN A 491 -49.98 -15.21 -13.00
N GLN A 492 -50.25 -16.47 -12.69
CA GLN A 492 -49.58 -17.58 -13.36
C GLN A 492 -49.97 -17.67 -14.83
N ILE A 493 -51.27 -17.54 -15.13
CA ILE A 493 -51.69 -17.58 -16.53
C ILE A 493 -51.18 -16.36 -17.27
N GLY A 494 -51.03 -15.23 -16.58
CA GLY A 494 -50.47 -14.05 -17.21
C GLY A 494 -49.01 -14.24 -17.60
N ARG A 495 -48.23 -14.88 -16.74
CA ARG A 495 -46.82 -15.10 -17.05
C ARG A 495 -46.65 -16.05 -18.23
N SER A 496 -47.52 -17.05 -18.35
CA SER A 496 -47.46 -17.95 -19.50
C SER A 496 -47.79 -17.22 -20.80
N LEU A 497 -48.78 -16.34 -20.77
CA LEU A 497 -49.16 -15.58 -21.96
C LEU A 497 -48.10 -14.57 -22.36
N GLY A 498 -47.27 -14.11 -21.42
CA GLY A 498 -46.32 -13.05 -21.70
C GLY A 498 -44.96 -13.51 -22.18
N ASN A 499 -44.67 -14.79 -21.95
CA ASN A 499 -43.38 -15.37 -22.38
C ASN A 499 -43.45 -15.55 -23.89
N THR A 500 -43.45 -14.44 -24.60
CA THR A 500 -43.44 -14.47 -26.06
C THR A 500 -42.52 -13.38 -26.60
N ALA A 501 -42.50 -13.19 -27.91
CA ALA A 501 -41.76 -12.08 -28.49
C ALA A 501 -42.39 -10.76 -28.04
N PRO A 502 -41.60 -9.70 -27.92
CA PRO A 502 -42.13 -8.43 -27.40
C PRO A 502 -43.27 -7.89 -28.26
N ILE A 503 -44.31 -7.41 -27.59
CA ILE A 503 -45.49 -6.82 -28.22
C ILE A 503 -45.92 -5.62 -27.39
N GLY A 504 -46.96 -4.92 -27.87
CA GLY A 504 -47.49 -3.79 -27.15
C GLY A 504 -48.55 -4.17 -26.12
N MET A 505 -48.91 -3.19 -25.29
CA MET A 505 -49.96 -3.40 -24.29
C MET A 505 -51.29 -3.73 -24.96
N ARG A 506 -51.62 -3.04 -26.04
CA ARG A 506 -52.89 -3.25 -26.72
C ARG A 506 -53.01 -4.67 -27.25
N ASP A 507 -51.99 -5.14 -27.96
CA ASP A 507 -52.03 -6.50 -28.49
C ASP A 507 -51.98 -7.54 -27.38
N MET A 508 -51.26 -7.25 -26.29
CA MET A 508 -51.30 -8.14 -25.13
C MET A 508 -52.66 -8.09 -24.46
N ALA A 509 -53.32 -6.92 -24.46
CA ALA A 509 -54.68 -6.83 -23.92
C ALA A 509 -55.66 -7.66 -24.73
N LEU A 510 -55.44 -7.79 -26.04
CA LEU A 510 -56.27 -8.66 -26.85
C LEU A 510 -56.13 -10.11 -26.43
N ARG A 511 -54.90 -10.54 -26.10
CA ARG A 511 -54.68 -11.92 -25.68
C ARG A 511 -55.46 -12.24 -24.40
N VAL A 512 -55.38 -11.37 -23.40
CA VAL A 512 -56.08 -11.59 -22.15
C VAL A 512 -57.58 -11.64 -22.39
N LEU A 513 -58.08 -10.80 -23.29
CA LEU A 513 -59.49 -10.84 -23.64
C LEU A 513 -59.87 -12.15 -24.32
N GLU A 514 -58.99 -12.66 -25.19
CA GLU A 514 -59.28 -13.92 -25.87
C GLU A 514 -59.36 -15.08 -24.88
N VAL A 515 -58.40 -15.17 -23.97
CA VAL A 515 -58.42 -16.24 -22.98
C VAL A 515 -59.58 -16.07 -22.02
N PHE A 516 -59.92 -14.82 -21.70
CA PHE A 516 -61.06 -14.57 -20.82
C PHE A 516 -62.37 -15.02 -21.44
N TYR A 517 -62.47 -15.00 -22.77
CA TYR A 517 -63.70 -15.40 -23.44
C TYR A 517 -63.79 -16.91 -23.62
N ARG A 518 -62.67 -17.55 -23.97
CA ARG A 518 -62.67 -18.97 -24.33
C ARG A 518 -62.22 -19.88 -23.21
N ASP A 519 -61.23 -19.47 -22.41
CA ASP A 519 -60.74 -20.28 -21.30
C ASP A 519 -61.19 -19.79 -19.94
N GLY A 520 -61.37 -18.48 -19.77
CA GLY A 520 -61.86 -17.93 -18.52
C GLY A 520 -60.74 -17.54 -17.57
N LEU A 521 -61.09 -16.67 -16.63
CA LEU A 521 -60.19 -16.23 -15.57
C LEU A 521 -60.88 -16.37 -14.24
N TYR A 522 -60.08 -16.54 -13.19
CA TYR A 522 -60.61 -16.85 -11.88
C TYR A 522 -61.38 -15.67 -11.30
N THR A 523 -62.52 -15.99 -10.66
CA THR A 523 -63.42 -14.98 -10.12
C THR A 523 -64.06 -15.54 -8.87
N ALA A 524 -64.34 -14.67 -7.90
CA ALA A 524 -64.92 -15.07 -6.62
C ALA A 524 -66.44 -15.13 -6.71
N LYS A 525 -67.02 -16.12 -6.05
CA LYS A 525 -68.47 -16.27 -5.94
C LYS A 525 -68.79 -16.76 -4.53
N GLN A 526 -69.88 -16.24 -3.96
CA GLN A 526 -70.29 -16.58 -2.61
C GLN A 526 -71.42 -17.59 -2.66
N SER A 527 -71.21 -18.75 -2.06
CA SER A 527 -72.27 -19.73 -1.88
C SER A 527 -73.06 -19.41 -0.62
N GLU A 528 -74.11 -20.17 -0.37
CA GLU A 528 -74.78 -20.07 0.93
C GLU A 528 -73.83 -20.54 2.02
N ASP A 529 -74.15 -20.14 3.26
CA ASP A 529 -73.36 -20.33 4.48
C ASP A 529 -72.22 -19.32 4.53
N GLY A 530 -72.10 -18.44 3.55
CA GLY A 530 -71.13 -17.37 3.57
C GLY A 530 -69.75 -17.72 3.04
N SER A 531 -69.50 -18.99 2.73
CA SER A 531 -68.20 -19.37 2.19
C SER A 531 -68.07 -18.90 0.74
N TRP A 532 -66.82 -18.68 0.32
CA TRP A 532 -66.52 -18.19 -1.02
C TRP A 532 -65.72 -19.24 -1.77
N TYR A 533 -66.16 -19.55 -2.99
CA TYR A 533 -65.46 -20.46 -3.88
C TYR A 533 -65.05 -19.72 -5.15
N ILE A 534 -63.95 -20.16 -5.75
CA ILE A 534 -63.40 -19.51 -6.93
C ILE A 534 -63.35 -20.51 -8.08
N ASP A 535 -63.68 -20.03 -9.27
CA ASP A 535 -63.60 -20.84 -10.49
C ASP A 535 -63.43 -19.90 -11.68
N ARG A 536 -62.88 -20.44 -12.75
CA ARG A 536 -62.63 -19.64 -13.94
C ARG A 536 -63.96 -19.29 -14.62
N THR A 537 -64.14 -18.00 -14.92
CA THR A 537 -65.40 -17.49 -15.45
C THR A 537 -65.18 -16.96 -16.85
N LYS A 538 -66.00 -17.41 -17.80
CA LYS A 538 -65.96 -16.92 -19.16
C LYS A 538 -66.76 -15.63 -19.29
N ILE A 539 -66.43 -14.84 -20.31
CA ILE A 539 -67.07 -13.51 -20.47
C ILE A 539 -68.11 -13.57 -21.61
N THR A 540 -69.17 -12.78 -21.48
CA THR A 540 -70.23 -12.74 -22.52
C THR A 540 -69.60 -12.30 -23.84
N GLN A 541 -70.18 -12.73 -24.97
CA GLN A 541 -69.61 -12.40 -26.30
C GLN A 541 -69.79 -10.90 -26.56
N GLU A 542 -70.83 -10.29 -26.00
CA GLU A 542 -70.94 -8.83 -26.16
C GLU A 542 -69.71 -8.19 -25.52
N GLN A 543 -69.54 -8.38 -24.22
CA GLN A 543 -68.34 -7.86 -23.52
C GLN A 543 -67.12 -8.12 -24.41
N TYR A 544 -67.01 -9.31 -24.97
CA TYR A 544 -65.82 -9.62 -25.74
C TYR A 544 -65.73 -8.75 -27.00
N ASN A 545 -66.85 -8.59 -27.70
CA ASN A 545 -66.85 -7.77 -28.90
C ASN A 545 -66.77 -6.28 -28.56
N SER A 546 -67.34 -5.86 -27.43
CA SER A 546 -67.29 -4.45 -27.05
C SER A 546 -65.86 -4.01 -26.79
N LEU A 547 -65.11 -4.80 -26.03
CA LEU A 547 -63.74 -4.41 -25.70
C LEU A 547 -62.80 -4.60 -26.89
N LYS A 548 -63.02 -5.66 -27.68
CA LYS A 548 -62.15 -5.90 -28.83
C LYS A 548 -62.26 -4.78 -29.85
N LYS A 549 -63.46 -4.27 -30.07
CA LYS A 549 -63.63 -3.16 -31.01
C LYS A 549 -62.88 -1.92 -30.53
N PHE A 550 -63.02 -1.57 -29.25
CA PHE A 550 -62.31 -0.41 -28.74
C PHE A 550 -60.81 -0.66 -28.66
N TYR A 551 -60.41 -1.88 -28.28
CA TYR A 551 -58.97 -2.18 -28.22
C TYR A 551 -58.34 -2.05 -29.60
N GLU A 552 -59.02 -2.52 -30.64
CA GLU A 552 -58.48 -2.41 -31.99
C GLU A 552 -58.33 -0.96 -32.44
N ILE A 553 -59.06 -0.03 -31.83
CA ILE A 553 -58.82 1.39 -32.06
C ILE A 553 -58.26 2.00 -30.78
N ALA A 554 -56.94 1.95 -30.63
CA ALA A 554 -56.28 2.42 -29.40
C ALA A 554 -54.78 2.31 -29.60
N ASN A 555 -54.05 2.98 -28.72
CA ASN A 555 -52.60 2.87 -28.66
C ASN A 555 -52.21 1.88 -27.56
N ASP A 556 -50.92 1.84 -27.24
CA ASP A 556 -50.43 1.01 -26.14
C ASP A 556 -50.64 1.66 -24.77
N PHE A 557 -51.46 2.71 -24.69
CA PHE A 557 -51.81 3.33 -23.42
C PHE A 557 -53.23 3.04 -22.98
N GLY A 558 -54.08 2.54 -23.86
CA GLY A 558 -55.47 2.28 -23.53
C GLY A 558 -56.43 3.39 -23.89
N ARG A 559 -56.01 4.37 -24.70
CA ARG A 559 -56.85 5.48 -25.09
C ARG A 559 -57.01 5.50 -26.61
N SER A 560 -58.13 6.04 -27.06
CA SER A 560 -58.38 6.22 -28.48
C SER A 560 -57.61 7.44 -29.00
N LYS A 561 -57.69 7.68 -30.31
CA LYS A 561 -57.03 8.84 -30.89
C LYS A 561 -57.64 10.14 -30.36
N GLU A 562 -58.97 10.18 -30.22
CA GLU A 562 -59.61 11.38 -29.70
C GLU A 562 -59.17 11.67 -28.27
N GLU A 563 -59.08 10.64 -27.43
CA GLU A 563 -58.66 10.84 -26.05
C GLU A 563 -57.22 11.30 -25.97
N GLN A 564 -56.34 10.78 -26.84
CA GLN A 564 -54.95 11.23 -26.86
C GLN A 564 -54.82 12.62 -27.46
N ASP A 565 -55.56 12.91 -28.53
CA ASP A 565 -55.46 14.22 -29.16
C ASP A 565 -55.95 15.32 -28.23
N GLU A 566 -56.91 15.02 -27.34
CA GLU A 566 -57.33 16.01 -26.36
C GLU A 566 -56.19 16.37 -25.42
N ILE A 567 -55.46 15.37 -24.93
CA ILE A 567 -54.36 15.62 -24.00
C ILE A 567 -53.20 16.29 -24.72
N MET A 568 -52.86 15.83 -25.93
CA MET A 568 -51.74 16.41 -26.66
C MET A 568 -51.99 17.89 -26.98
N LYS A 569 -53.21 18.21 -27.41
CA LYS A 569 -53.55 19.61 -27.67
C LYS A 569 -53.68 20.41 -26.37
N ASN A 570 -54.19 19.78 -25.31
CA ASN A 570 -54.27 20.47 -24.02
C ASN A 570 -52.88 20.79 -23.49
N ALA A 571 -51.94 19.85 -23.63
CA ALA A 571 -50.56 20.12 -23.25
C ALA A 571 -49.92 21.16 -24.15
N ALA A 572 -50.31 21.18 -25.44
CA ALA A 572 -49.80 22.21 -26.35
C ALA A 572 -50.25 23.59 -25.91
N LYS A 573 -51.49 23.71 -25.42
CA LYS A 573 -51.96 24.99 -24.91
C LYS A 573 -51.13 25.44 -23.71
N ARG A 574 -50.86 24.53 -22.78
CA ARG A 574 -50.03 24.87 -21.63
C ARG A 574 -48.62 25.23 -22.06
N ASP A 575 -48.04 24.47 -22.99
CA ASP A 575 -46.68 24.73 -23.43
C ASP A 575 -46.58 26.04 -24.21
N GLU A 576 -47.58 26.34 -25.03
CA GLU A 576 -47.52 27.52 -25.89
C GLU A 576 -48.02 28.78 -25.22
N LYS A 577 -48.96 28.67 -24.27
CA LYS A 577 -49.36 29.84 -23.50
C LYS A 577 -48.18 30.42 -22.73
N LEU A 578 -47.34 29.55 -22.16
CA LEU A 578 -46.12 30.01 -21.52
C LEU A 578 -45.19 30.67 -22.53
N LEU A 579 -45.12 30.11 -23.75
CA LEU A 579 -44.27 30.70 -24.79
C LEU A 579 -44.75 32.11 -25.14
N ASP A 580 -46.06 32.30 -25.27
CA ASP A 580 -46.58 33.63 -25.57
C ASP A 580 -46.26 34.62 -24.45
N GLU A 581 -46.32 34.16 -23.20
CA GLU A 581 -45.94 35.01 -22.08
C GLU A 581 -44.46 35.38 -22.15
N TYR A 582 -43.60 34.42 -22.51
CA TYR A 582 -42.19 34.73 -22.71
C TYR A 582 -41.99 35.67 -23.88
N GLU A 583 -42.83 35.58 -24.91
CA GLU A 583 -42.72 36.46 -26.07
C GLU A 583 -43.02 37.91 -25.71
N LYS A 584 -43.66 38.16 -24.57
CA LYS A 584 -43.84 39.54 -24.12
C LYS A 584 -42.50 40.19 -23.81
N HIS A 585 -41.58 39.45 -23.20
CA HIS A 585 -40.32 40.04 -22.76
C HIS A 585 -39.43 40.40 -23.95
N TRP A 586 -39.27 39.48 -24.91
CA TRP A 586 -38.60 39.77 -26.16
C TRP A 586 -39.67 39.89 -27.24
N HIS A 587 -39.88 41.12 -27.71
CA HIS A 587 -40.99 41.41 -28.61
C HIS A 587 -40.85 40.62 -29.92
N SER A 588 -41.75 39.67 -30.13
CA SER A 588 -41.70 38.77 -31.27
C SER A 588 -42.80 39.14 -32.26
N ILE A 589 -42.85 38.37 -33.36
CA ILE A 589 -43.85 38.62 -34.40
C ILE A 589 -45.25 38.40 -33.86
N ARG A 590 -45.45 37.30 -33.12
CA ARG A 590 -46.75 36.99 -32.55
C ARG A 590 -46.88 37.56 -31.14
N MET B 1 67.30 5.19 -4.20
CA MET B 1 68.38 5.15 -3.23
C MET B 1 67.87 4.85 -1.83
N LYS B 2 68.68 4.17 -1.03
CA LYS B 2 68.33 3.95 0.37
C LYS B 2 68.31 5.28 1.12
N ILE B 3 67.50 5.33 2.17
CA ILE B 3 67.22 6.60 2.84
C ILE B 3 68.49 7.17 3.44
N GLU B 4 68.68 8.47 3.23
CA GLU B 4 69.92 9.16 3.59
C GLU B 4 69.80 9.75 4.98
N GLU B 5 70.83 9.51 5.81
CA GLU B 5 70.82 9.99 7.18
C GLU B 5 71.00 11.50 7.23
N GLY B 6 70.55 12.09 8.34
CA GLY B 6 70.67 13.53 8.53
C GLY B 6 69.93 14.34 7.49
N LYS B 7 68.74 13.87 7.09
CA LYS B 7 68.00 14.50 6.01
C LYS B 7 66.54 14.08 6.11
N LEU B 8 65.65 15.00 5.75
CA LEU B 8 64.21 14.73 5.73
C LEU B 8 63.68 14.94 4.33
N VAL B 9 63.09 13.89 3.76
CA VAL B 9 62.48 13.94 2.44
C VAL B 9 60.98 13.73 2.64
N ILE B 10 60.19 14.71 2.19
CA ILE B 10 58.75 14.72 2.42
C ILE B 10 58.04 14.65 1.08
N TRP B 11 57.09 13.73 0.96
CA TRP B 11 56.28 13.57 -0.24
C TRP B 11 54.88 14.11 0.04
N ILE B 12 54.45 15.07 -0.79
CA ILE B 12 53.15 15.71 -0.65
C ILE B 12 52.56 15.90 -2.05
N ASN B 13 51.24 16.03 -2.11
CA ASN B 13 50.58 16.16 -3.40
C ASN B 13 50.65 17.60 -3.91
N GLY B 14 50.47 17.74 -5.23
CA GLY B 14 50.58 19.05 -5.86
C GLY B 14 49.48 20.02 -5.48
N ASP B 15 48.26 19.52 -5.28
CA ASP B 15 47.15 20.39 -4.90
C ASP B 15 47.30 20.94 -3.48
N LYS B 16 48.22 20.39 -2.70
CA LYS B 16 48.53 20.91 -1.37
C LYS B 16 49.65 21.94 -1.47
N GLY B 17 49.75 22.77 -0.44
CA GLY B 17 50.82 23.74 -0.40
C GLY B 17 52.04 22.88 -0.17
N TYR B 18 52.97 22.88 -1.13
CA TYR B 18 54.33 22.38 -0.95
C TYR B 18 55.44 23.40 -0.77
N ASN B 19 55.21 24.66 -1.12
CA ASN B 19 56.19 25.70 -0.85
C ASN B 19 56.07 26.25 0.57
N GLY B 20 54.85 26.24 1.13
CA GLY B 20 54.69 26.63 2.51
C GLY B 20 55.21 25.59 3.48
N LEU B 21 55.23 24.32 3.07
CA LEU B 21 55.78 23.28 3.92
C LEU B 21 57.31 23.37 3.98
N ALA B 22 57.95 23.57 2.83
CA ALA B 22 59.38 23.80 2.81
C ALA B 22 59.76 25.11 3.50
N GLU B 23 58.82 26.06 3.57
CA GLU B 23 59.05 27.27 4.35
C GLU B 23 59.23 26.94 5.83
N VAL B 24 58.43 26.00 6.34
CA VAL B 24 58.65 25.51 7.70
C VAL B 24 59.94 24.71 7.79
N GLY B 25 60.27 23.95 6.74
CA GLY B 25 61.50 23.18 6.74
C GLY B 25 62.74 24.03 6.82
N LYS B 26 62.71 25.22 6.21
CA LYS B 26 63.82 26.16 6.35
C LYS B 26 64.00 26.60 7.80
N LYS B 27 62.89 26.81 8.51
CA LYS B 27 62.97 27.08 9.94
C LYS B 27 63.55 25.88 10.68
N PHE B 28 63.19 24.67 10.25
CA PHE B 28 63.77 23.47 10.84
C PHE B 28 65.27 23.37 10.56
N GLU B 29 65.68 23.72 9.34
CA GLU B 29 67.10 23.71 9.01
C GLU B 29 67.86 24.77 9.80
N LYS B 30 67.22 25.92 10.04
CA LYS B 30 67.89 27.01 10.76
C LYS B 30 68.24 26.60 12.18
N ASP B 31 67.33 25.92 12.88
CA ASP B 31 67.53 25.58 14.28
C ASP B 31 68.32 24.29 14.47
N THR B 32 68.09 23.29 13.63
CA THR B 32 68.69 21.98 13.82
C THR B 32 69.84 21.69 12.87
N GLY B 33 69.86 22.30 11.68
CA GLY B 33 70.88 22.04 10.70
C GLY B 33 70.59 20.90 9.75
N ILE B 34 69.44 20.25 9.87
CA ILE B 34 69.06 19.16 8.98
C ILE B 34 68.22 19.74 7.86
N LYS B 35 68.66 19.54 6.62
CA LYS B 35 67.95 20.07 5.47
C LYS B 35 66.66 19.30 5.23
N VAL B 36 65.59 20.03 4.93
CA VAL B 36 64.29 19.45 4.63
C VAL B 36 63.96 19.78 3.17
N THR B 37 63.82 18.75 2.35
CA THR B 37 63.51 18.90 0.94
C THR B 37 62.11 18.37 0.69
N VAL B 38 61.20 19.28 0.33
CA VAL B 38 59.82 18.91 0.03
C VAL B 38 59.72 18.56 -1.45
N GLU B 39 59.16 17.39 -1.73
CA GLU B 39 59.12 16.84 -3.08
C GLU B 39 57.69 16.39 -3.38
N HIS B 40 57.18 16.76 -4.55
CA HIS B 40 55.80 16.46 -4.93
C HIS B 40 55.76 15.76 -6.29
N PRO B 41 55.98 14.45 -6.31
CA PRO B 41 55.84 13.69 -7.55
C PRO B 41 54.38 13.34 -7.82
N ASP B 42 54.14 12.82 -9.02
CA ASP B 42 52.82 12.35 -9.41
C ASP B 42 52.71 10.85 -9.16
N LYS B 43 51.48 10.38 -9.03
CA LYS B 43 51.19 9.01 -8.58
C LYS B 43 51.90 8.73 -7.25
N LEU B 44 51.84 9.73 -6.36
CA LEU B 44 52.54 9.63 -5.08
C LEU B 44 51.99 8.51 -4.21
N GLU B 45 50.66 8.36 -4.21
CA GLU B 45 50.03 7.35 -3.34
C GLU B 45 50.42 5.93 -3.74
N GLU B 46 50.68 5.70 -5.02
CA GLU B 46 51.04 4.37 -5.51
C GLU B 46 52.54 4.15 -5.61
N LYS B 47 53.34 5.22 -5.67
CA LYS B 47 54.79 5.06 -5.74
C LYS B 47 55.37 4.64 -4.41
N PHE B 48 54.80 5.11 -3.30
CA PHE B 48 55.37 4.82 -1.98
C PHE B 48 55.38 3.34 -1.63
N PRO B 49 54.28 2.58 -1.76
CA PRO B 49 54.31 1.19 -1.30
C PRO B 49 55.30 0.30 -2.03
N GLN B 50 55.70 0.65 -3.26
CA GLN B 50 56.63 -0.17 -4.00
C GLN B 50 58.09 0.22 -3.77
N VAL B 51 58.36 1.50 -3.48
CA VAL B 51 59.73 1.92 -3.24
C VAL B 51 60.10 1.82 -1.76
N ALA B 52 59.14 1.95 -0.85
CA ALA B 52 59.40 1.80 0.57
C ALA B 52 59.41 0.34 1.01
N ALA B 53 58.91 -0.58 0.17
CA ALA B 53 58.99 -1.99 0.51
C ALA B 53 60.42 -2.49 0.56
N THR B 54 61.28 -1.94 -0.29
CA THR B 54 62.71 -2.27 -0.30
C THR B 54 63.54 -1.28 0.50
N GLY B 55 62.92 -0.31 1.16
CA GLY B 55 63.66 0.64 1.97
C GLY B 55 64.27 1.80 1.23
N ASP B 56 63.77 2.12 0.03
CA ASP B 56 64.31 3.21 -0.77
C ASP B 56 63.35 4.39 -0.88
N GLY B 57 62.36 4.47 0.01
CA GLY B 57 61.35 5.50 -0.08
C GLY B 57 61.75 6.79 0.61
N PRO B 58 60.79 7.72 0.73
CA PRO B 58 61.06 8.99 1.42
C PRO B 58 60.99 8.86 2.93
N ASP B 59 61.09 9.97 3.65
CA ASP B 59 61.01 9.97 5.10
C ASP B 59 59.58 10.16 5.59
N ILE B 60 58.89 11.18 5.08
CA ILE B 60 57.53 11.49 5.49
C ILE B 60 56.65 11.57 4.24
N ILE B 61 55.45 11.02 4.32
CA ILE B 61 54.50 11.03 3.22
C ILE B 61 53.20 11.67 3.70
N PHE B 62 52.68 12.59 2.89
CA PHE B 62 51.41 13.27 3.16
C PHE B 62 50.35 12.73 2.21
N TRP B 63 49.26 12.20 2.77
CA TRP B 63 48.16 11.69 1.96
C TRP B 63 46.96 11.48 2.89
N ALA B 64 45.84 11.10 2.28
CA ALA B 64 44.64 10.78 3.05
C ALA B 64 44.86 9.51 3.87
N HIS B 65 44.17 9.43 5.00
CA HIS B 65 44.35 8.31 5.92
C HIS B 65 43.92 6.98 5.33
N ASP B 66 43.03 6.99 4.32
CA ASP B 66 42.51 5.73 3.79
C ASP B 66 43.62 4.90 3.14
N ARG B 67 44.53 5.55 2.42
CA ARG B 67 45.64 4.83 1.80
C ARG B 67 46.65 4.32 2.83
N PHE B 68 46.66 4.88 4.04
CA PHE B 68 47.64 4.48 5.03
C PHE B 68 47.30 3.15 5.70
N GLY B 69 46.05 2.71 5.62
CA GLY B 69 45.71 1.40 6.17
C GLY B 69 46.39 0.26 5.46
N GLY B 70 46.44 0.32 4.13
CA GLY B 70 47.17 -0.69 3.37
C GLY B 70 48.66 -0.66 3.64
N TYR B 71 49.22 0.53 3.85
CA TYR B 71 50.63 0.64 4.18
C TYR B 71 50.93 -0.02 5.53
N ALA B 72 50.05 0.18 6.52
CA ALA B 72 50.27 -0.39 7.84
C ALA B 72 50.24 -1.92 7.81
N GLN B 73 49.29 -2.50 7.07
CA GLN B 73 49.21 -3.95 6.97
C GLN B 73 50.45 -4.52 6.29
N SER B 74 50.96 -3.83 5.28
CA SER B 74 52.21 -4.23 4.63
C SER B 74 53.44 -3.92 5.48
N GLY B 75 53.29 -3.19 6.58
CA GLY B 75 54.41 -2.85 7.43
C GLY B 75 55.34 -1.82 6.82
N LEU B 76 54.80 -0.66 6.48
CA LEU B 76 55.56 0.40 5.83
C LEU B 76 55.58 1.71 6.59
N LEU B 77 54.70 1.89 7.58
CA LEU B 77 54.63 3.13 8.35
C LEU B 77 55.17 2.89 9.76
N ALA B 78 56.08 3.75 10.20
CA ALA B 78 56.65 3.62 11.53
C ALA B 78 55.61 3.92 12.60
N GLU B 79 55.69 3.21 13.71
CA GLU B 79 54.76 3.42 14.82
C GLU B 79 54.96 4.81 15.41
N ILE B 80 53.85 5.47 15.72
CA ILE B 80 53.86 6.82 16.28
C ILE B 80 53.57 6.70 17.77
N THR B 81 54.49 7.20 18.59
CA THR B 81 54.37 7.17 20.05
C THR B 81 54.58 8.58 20.56
N PRO B 82 53.57 9.45 20.43
CA PRO B 82 53.73 10.84 20.85
C PRO B 82 53.55 10.98 22.36
N ALA B 83 53.87 12.18 22.85
CA ALA B 83 53.67 12.49 24.26
C ALA B 83 52.18 12.69 24.54
N ALA B 84 51.81 12.49 25.80
CA ALA B 84 50.41 12.65 26.20
C ALA B 84 49.94 14.08 26.02
N ALA B 85 50.80 15.04 26.36
CA ALA B 85 50.43 16.45 26.23
C ALA B 85 50.21 16.84 24.77
N PHE B 86 51.06 16.34 23.87
CA PHE B 86 50.92 16.68 22.45
C PHE B 86 49.72 15.96 21.85
N GLN B 87 49.46 14.72 22.28
CA GLN B 87 48.37 13.95 21.69
C GLN B 87 47.01 14.58 21.98
N ASP B 88 46.90 15.32 23.08
CA ASP B 88 45.64 15.97 23.44
C ASP B 88 45.44 17.30 22.74
N LYS B 89 46.47 17.86 22.10
CA LYS B 89 46.33 19.11 21.37
C LYS B 89 45.72 18.92 19.99
N LEU B 90 45.48 17.68 19.58
CA LEU B 90 44.81 17.38 18.33
C LEU B 90 43.46 16.71 18.63
N TYR B 91 42.51 16.88 17.72
CA TYR B 91 41.18 16.34 17.93
C TYR B 91 41.23 14.82 18.05
N PRO B 92 40.57 14.23 19.05
CA PRO B 92 40.68 12.78 19.25
C PRO B 92 40.19 11.95 18.07
N PHE B 93 39.15 12.38 17.36
CA PHE B 93 38.62 11.58 16.27
C PHE B 93 39.56 11.51 15.08
N THR B 94 40.49 12.45 14.97
CA THR B 94 41.49 12.39 13.89
C THR B 94 42.56 11.34 14.17
N TRP B 95 42.91 11.15 15.44
CA TRP B 95 43.87 10.10 15.78
C TRP B 95 43.33 8.72 15.44
N ASP B 96 42.02 8.52 15.63
CA ASP B 96 41.42 7.21 15.36
C ASP B 96 41.47 6.86 13.88
N ALA B 97 41.49 7.87 13.00
CA ALA B 97 41.57 7.60 11.57
C ALA B 97 42.95 7.12 11.15
N VAL B 98 43.98 7.36 11.96
CA VAL B 98 45.32 6.90 11.66
C VAL B 98 45.72 5.84 12.68
N ARG B 99 44.72 5.16 13.25
CA ARG B 99 44.95 4.11 14.22
C ARG B 99 44.60 2.78 13.57
N TYR B 100 45.58 1.88 13.50
CA TYR B 100 45.42 0.57 12.86
C TYR B 100 45.83 -0.50 13.85
N ASN B 101 44.90 -1.42 14.14
CA ASN B 101 45.12 -2.49 15.12
C ASN B 101 45.50 -1.95 16.48
N GLY B 102 45.03 -0.74 16.81
CA GLY B 102 45.38 -0.10 18.06
C GLY B 102 46.70 0.62 18.09
N LYS B 103 47.37 0.75 16.95
CA LYS B 103 48.67 1.41 16.86
C LYS B 103 48.55 2.65 15.98
N LEU B 104 49.08 3.77 16.46
CA LEU B 104 49.12 4.99 15.66
C LEU B 104 50.16 4.86 14.56
N ILE B 105 49.78 5.21 13.33
CA ILE B 105 50.66 5.08 12.18
C ILE B 105 50.96 6.40 11.49
N ALA B 106 50.28 7.49 11.86
CA ALA B 106 50.47 8.77 11.18
C ALA B 106 50.05 9.90 12.10
N TYR B 107 50.44 11.12 11.72
CA TYR B 107 50.04 12.33 12.42
C TYR B 107 48.92 13.00 11.62
N PRO B 108 47.71 13.13 12.18
CA PRO B 108 46.66 13.85 11.47
C PRO B 108 46.99 15.34 11.36
N ILE B 109 46.61 15.94 10.23
CA ILE B 109 46.91 17.33 9.94
C ILE B 109 45.65 18.13 9.65
N ALA B 110 44.81 17.64 8.73
CA ALA B 110 43.62 18.36 8.33
C ALA B 110 42.50 17.37 8.03
N VAL B 111 41.27 17.88 8.03
CA VAL B 111 40.09 17.08 7.74
C VAL B 111 39.37 17.68 6.54
N GLU B 112 38.46 16.90 5.96
CA GLU B 112 37.76 17.29 4.75
C GLU B 112 36.46 16.50 4.67
N ALA B 113 35.34 17.20 4.45
CA ALA B 113 34.05 16.54 4.39
C ALA B 113 33.07 17.43 3.62
N LEU B 114 31.97 16.82 3.20
CA LEU B 114 30.92 17.53 2.49
C LEU B 114 30.23 18.52 3.43
N SER B 115 29.52 19.47 2.81
CA SER B 115 28.77 20.46 3.57
C SER B 115 27.59 20.94 2.74
N LEU B 116 26.58 21.48 3.43
CA LEU B 116 25.41 22.05 2.78
C LEU B 116 25.72 23.48 2.40
N ILE B 117 25.69 23.78 1.10
CA ILE B 117 26.00 25.10 0.57
C ILE B 117 24.73 25.70 0.00
N TYR B 118 24.27 26.79 0.59
CA TYR B 118 23.04 27.45 0.17
C TYR B 118 23.33 28.81 -0.43
N ASN B 119 22.28 29.44 -0.95
CA ASN B 119 22.33 30.80 -1.47
C ASN B 119 21.55 31.70 -0.53
N LYS B 120 22.24 32.67 0.07
CA LYS B 120 21.60 33.54 1.06
C LYS B 120 20.54 34.42 0.42
N ASP B 121 20.71 34.78 -0.86
CA ASP B 121 19.74 35.64 -1.53
C ASP B 121 18.38 34.95 -1.62
N LEU B 122 18.36 33.66 -1.95
CA LEU B 122 17.11 32.93 -2.12
C LEU B 122 16.68 32.19 -0.88
N LEU B 123 17.60 31.86 0.03
CA LEU B 123 17.32 30.98 1.16
C LEU B 123 18.09 31.48 2.38
N PRO B 124 17.58 32.51 3.05
CA PRO B 124 18.32 33.07 4.20
C PRO B 124 18.52 32.09 5.35
N ASN B 125 17.54 31.24 5.62
CA ASN B 125 17.61 30.32 6.76
C ASN B 125 17.67 28.88 6.27
N PRO B 126 18.82 28.21 6.36
CA PRO B 126 18.95 26.88 5.79
C PRO B 126 18.01 25.91 6.48
N PRO B 127 17.48 24.93 5.73
CA PRO B 127 16.62 23.91 6.35
C PRO B 127 17.39 23.07 7.34
N LYS B 128 16.81 22.88 8.52
CA LYS B 128 17.45 22.07 9.54
C LYS B 128 17.40 20.59 9.20
N THR B 129 16.32 20.13 8.59
CA THR B 129 16.07 18.72 8.34
C THR B 129 15.87 18.46 6.85
N TRP B 130 16.11 17.20 6.46
CA TRP B 130 15.87 16.79 5.09
C TRP B 130 14.38 16.84 4.74
N GLU B 131 13.52 16.66 5.72
CA GLU B 131 12.09 16.59 5.47
C GLU B 131 11.47 17.96 5.17
N GLU B 132 12.19 19.05 5.41
CA GLU B 132 11.68 20.37 5.08
C GLU B 132 11.78 20.69 3.60
N ILE B 133 12.80 20.18 2.92
CA ILE B 133 13.12 20.60 1.56
C ILE B 133 12.11 20.14 0.51
N PRO B 134 11.41 18.99 0.65
CA PRO B 134 10.37 18.70 -0.36
C PRO B 134 9.27 19.73 -0.40
N ALA B 135 8.92 20.32 0.74
CA ALA B 135 7.93 21.40 0.74
C ALA B 135 8.52 22.70 0.21
N LEU B 136 9.77 22.99 0.57
CA LEU B 136 10.39 24.23 0.13
C LEU B 136 10.64 24.24 -1.37
N ASP B 137 10.82 23.07 -1.99
CA ASP B 137 11.07 23.03 -3.42
C ASP B 137 9.87 23.52 -4.23
N LYS B 138 8.66 23.32 -3.71
CA LYS B 138 7.48 23.81 -4.40
C LYS B 138 7.50 25.34 -4.48
N GLU B 139 7.91 26.00 -3.40
CA GLU B 139 8.01 27.46 -3.42
C GLU B 139 9.08 27.93 -4.41
N LEU B 140 10.22 27.25 -4.43
CA LEU B 140 11.29 27.63 -5.36
C LEU B 140 10.86 27.42 -6.81
N LYS B 141 10.18 26.30 -7.09
CA LYS B 141 9.67 26.07 -8.45
C LYS B 141 8.60 27.08 -8.84
N ALA B 142 7.89 27.66 -7.86
CA ALA B 142 6.97 28.74 -8.16
C ALA B 142 7.69 29.98 -8.65
N LYS B 143 8.92 30.21 -8.18
CA LYS B 143 9.76 31.30 -8.64
C LYS B 143 10.63 30.91 -9.83
N GLY B 144 10.49 29.69 -10.34
CA GLY B 144 11.30 29.26 -11.46
C GLY B 144 12.67 28.76 -11.10
N LYS B 145 12.86 28.28 -9.87
CA LYS B 145 14.16 27.85 -9.38
C LYS B 145 14.05 26.45 -8.77
N SER B 146 15.18 25.73 -8.77
CA SER B 146 15.27 24.47 -8.05
C SER B 146 15.76 24.72 -6.63
N ALA B 147 15.46 23.77 -5.75
CA ALA B 147 15.84 23.90 -4.35
C ALA B 147 17.19 23.25 -4.06
N LEU B 148 17.30 21.95 -4.31
CA LEU B 148 18.52 21.20 -4.05
C LEU B 148 18.92 20.44 -5.31
N MET B 149 20.16 20.64 -5.75
CA MET B 149 20.73 19.89 -6.86
C MET B 149 22.19 19.56 -6.53
N PHE B 150 22.54 18.29 -6.65
CA PHE B 150 23.90 17.85 -6.41
C PHE B 150 24.14 16.57 -7.20
N ASN B 151 25.39 16.11 -7.18
CA ASN B 151 25.78 14.95 -7.99
C ASN B 151 25.17 13.69 -7.41
N LEU B 152 24.20 13.12 -8.14
CA LEU B 152 23.60 11.84 -7.77
C LEU B 152 24.29 10.65 -8.42
N GLN B 153 25.28 10.89 -9.28
CA GLN B 153 25.96 9.82 -10.00
C GLN B 153 27.07 9.17 -9.19
N GLU B 154 27.47 9.77 -8.06
CA GLU B 154 28.53 9.22 -7.25
C GLU B 154 28.05 8.96 -5.83
N PRO B 155 28.41 7.81 -5.25
CA PRO B 155 27.93 7.49 -3.90
C PRO B 155 28.47 8.41 -2.82
N TYR B 156 29.59 9.11 -3.08
CA TYR B 156 30.17 9.98 -2.07
C TYR B 156 29.20 11.10 -1.69
N PHE B 157 28.52 11.67 -2.68
CA PHE B 157 27.56 12.73 -2.40
C PHE B 157 26.25 12.21 -1.82
N THR B 158 25.83 11.01 -2.24
CA THR B 158 24.55 10.46 -1.78
C THR B 158 24.64 9.72 -0.45
N TRP B 159 25.85 9.37 -0.01
CA TRP B 159 25.99 8.58 1.22
C TRP B 159 25.45 9.27 2.47
N PRO B 160 25.65 10.58 2.71
CA PRO B 160 25.21 11.16 3.99
C PRO B 160 23.74 10.92 4.31
N LEU B 161 22.87 10.99 3.30
CA LEU B 161 21.45 10.71 3.53
C LEU B 161 21.22 9.23 3.81
N ILE B 162 21.96 8.35 3.13
CA ILE B 162 21.75 6.91 3.27
C ILE B 162 22.12 6.43 4.66
N ALA B 163 23.25 6.90 5.20
CA ALA B 163 23.80 6.39 6.44
C ALA B 163 23.36 7.20 7.66
N ALA B 164 22.45 8.16 7.50
CA ALA B 164 22.02 8.99 8.62
C ALA B 164 21.26 8.15 9.65
N ASP B 165 20.12 7.58 9.24
CA ASP B 165 19.36 6.72 10.14
C ASP B 165 20.16 5.46 10.48
N GLY B 166 20.87 4.91 9.50
CA GLY B 166 21.70 3.75 9.70
C GLY B 166 22.38 3.35 8.41
N GLY B 167 23.60 2.81 8.50
CA GLY B 167 24.34 2.41 7.33
C GLY B 167 25.82 2.70 7.49
N TYR B 168 26.64 1.83 6.90
CA TYR B 168 28.09 1.95 7.03
C TYR B 168 28.75 1.11 5.95
N ALA B 169 29.92 1.57 5.50
CA ALA B 169 30.70 0.79 4.56
C ALA B 169 31.22 -0.49 5.21
N PHE B 170 31.82 -0.35 6.38
CA PHE B 170 32.32 -1.51 7.14
C PHE B 170 32.16 -1.18 8.61
N LYS B 171 31.74 -2.13 9.42
CA LYS B 171 31.50 -1.84 10.85
C LYS B 171 32.84 -1.51 11.51
N TYR B 172 32.84 -0.50 12.36
CA TYR B 172 34.08 -0.20 13.12
C TYR B 172 33.83 -0.47 14.59
N ALA B 173 34.61 -1.37 15.16
CA ALA B 173 34.55 -1.65 16.58
C ALA B 173 35.94 -1.95 17.11
N ALA B 174 36.28 -1.35 18.25
CA ALA B 174 37.55 -1.59 18.94
C ALA B 174 38.75 -1.20 18.07
N GLY B 175 38.57 -0.24 17.17
CA GLY B 175 39.64 0.17 16.29
C GLY B 175 39.92 -0.75 15.13
N LYS B 176 39.04 -1.70 14.86
CA LYS B 176 39.23 -2.66 13.77
C LYS B 176 38.03 -2.61 12.84
N TYR B 177 38.26 -2.92 11.57
CA TYR B 177 37.22 -2.98 10.56
C TYR B 177 36.91 -4.44 10.24
N ASP B 178 35.63 -4.80 10.30
CA ASP B 178 35.19 -6.15 9.97
C ASP B 178 34.90 -6.21 8.48
N ILE B 179 35.68 -7.02 7.76
CA ILE B 179 35.53 -7.13 6.31
C ILE B 179 34.21 -7.77 5.96
N LYS B 180 33.67 -8.64 6.83
CA LYS B 180 32.50 -9.44 6.53
C LYS B 180 31.19 -8.76 6.91
N ASP B 181 31.23 -7.53 7.43
CA ASP B 181 30.03 -6.82 7.84
C ASP B 181 29.93 -5.50 7.08
N VAL B 182 28.84 -5.34 6.32
CA VAL B 182 28.55 -4.10 5.62
C VAL B 182 27.12 -3.71 5.92
N GLY B 183 26.82 -2.42 5.82
CA GLY B 183 25.51 -1.91 6.14
C GLY B 183 24.76 -1.35 4.96
N VAL B 184 25.03 -1.88 3.77
CA VAL B 184 24.39 -1.38 2.56
C VAL B 184 22.91 -1.76 2.53
N ASP B 185 22.57 -2.95 3.02
CA ASP B 185 21.21 -3.48 2.93
C ASP B 185 20.44 -3.40 4.24
N ASN B 186 20.97 -2.73 5.25
CA ASN B 186 20.27 -2.66 6.52
C ASN B 186 19.06 -1.73 6.41
N ALA B 187 18.31 -1.63 7.51
CA ALA B 187 17.07 -0.86 7.50
C ALA B 187 17.34 0.62 7.26
N GLY B 188 18.39 1.17 7.88
CA GLY B 188 18.67 2.58 7.76
C GLY B 188 19.02 2.99 6.33
N ALA B 189 19.83 2.17 5.65
CA ALA B 189 20.22 2.49 4.28
C ALA B 189 19.02 2.46 3.35
N LYS B 190 18.10 1.52 3.56
CA LYS B 190 16.88 1.49 2.75
C LYS B 190 16.05 2.75 2.96
N ALA B 191 15.95 3.21 4.21
CA ALA B 191 15.21 4.45 4.48
C ALA B 191 15.85 5.64 3.80
N GLY B 192 17.18 5.73 3.86
CA GLY B 192 17.86 6.87 3.24
C GLY B 192 17.73 6.88 1.73
N LEU B 193 17.92 5.72 1.10
CA LEU B 193 17.83 5.66 -0.36
C LEU B 193 16.38 5.81 -0.83
N THR B 194 15.42 5.33 -0.05
CA THR B 194 14.02 5.52 -0.41
C THR B 194 13.65 7.00 -0.39
N PHE B 195 14.15 7.75 0.58
CA PHE B 195 13.89 9.19 0.62
C PHE B 195 14.49 9.89 -0.60
N LEU B 196 15.67 9.44 -1.04
CA LEU B 196 16.30 10.04 -2.21
C LEU B 196 15.47 9.80 -3.47
N VAL B 197 15.06 8.54 -3.69
CA VAL B 197 14.31 8.21 -4.91
C VAL B 197 12.90 8.81 -4.86
N ASP B 198 12.31 8.94 -3.67
CA ASP B 198 11.01 9.58 -3.56
C ASP B 198 11.08 11.03 -4.00
N LEU B 199 12.15 11.74 -3.63
CA LEU B 199 12.36 13.09 -4.14
C LEU B 199 12.52 13.11 -5.66
N ILE B 200 13.11 12.06 -6.22
CA ILE B 200 13.31 11.99 -7.67
C ILE B 200 11.98 11.78 -8.38
N LYS B 201 11.16 10.86 -7.88
CA LYS B 201 9.89 10.54 -8.54
C LYS B 201 8.79 11.54 -8.24
N ASN B 202 8.99 12.44 -7.27
CA ASN B 202 8.10 13.56 -7.05
C ASN B 202 8.56 14.81 -7.80
N LYS B 203 9.52 14.67 -8.71
CA LYS B 203 10.05 15.75 -9.55
C LYS B 203 10.73 16.84 -8.72
N HIS B 204 11.11 16.54 -7.48
CA HIS B 204 11.90 17.50 -6.70
C HIS B 204 13.36 17.53 -7.14
N MET B 205 13.90 16.40 -7.59
CA MET B 205 15.23 16.33 -8.17
C MET B 205 15.19 15.43 -9.39
N ASN B 206 16.23 15.52 -10.20
CA ASN B 206 16.36 14.73 -11.41
C ASN B 206 17.42 13.65 -11.20
N ALA B 207 17.14 12.44 -11.69
CA ALA B 207 18.04 11.31 -11.51
C ALA B 207 19.29 11.41 -12.37
N ASP B 208 19.33 12.32 -13.34
CA ASP B 208 20.48 12.48 -14.23
C ASP B 208 21.39 13.62 -13.82
N THR B 209 21.21 14.17 -12.63
CA THR B 209 22.01 15.32 -12.21
C THR B 209 23.46 14.90 -12.00
N ASP B 210 24.36 15.65 -12.63
CA ASP B 210 25.80 15.39 -12.57
C ASP B 210 26.50 16.53 -11.83
N TYR B 211 27.77 16.30 -11.51
CA TYR B 211 28.55 17.30 -10.80
C TYR B 211 28.69 18.58 -11.62
N SER B 212 28.94 18.44 -12.92
CA SER B 212 29.03 19.61 -13.80
C SER B 212 27.70 20.36 -13.85
N ILE B 213 26.59 19.62 -13.92
CA ILE B 213 25.27 20.25 -13.97
C ILE B 213 24.99 21.01 -12.68
N ALA B 214 25.21 20.36 -11.55
CA ALA B 214 24.89 20.97 -10.26
C ALA B 214 25.74 22.20 -9.98
N GLU B 215 27.05 22.12 -10.27
CA GLU B 215 27.93 23.26 -10.04
C GLU B 215 27.55 24.44 -10.91
N ALA B 216 27.24 24.18 -12.20
CA ALA B 216 26.80 25.26 -13.08
C ALA B 216 25.46 25.82 -12.63
N ALA B 217 24.53 24.97 -12.20
CA ALA B 217 23.22 25.43 -11.78
C ALA B 217 23.31 26.32 -10.54
N PHE B 218 24.13 25.91 -9.56
CA PHE B 218 24.22 26.68 -8.32
C PHE B 218 24.92 28.01 -8.53
N ASN B 219 25.97 28.04 -9.36
CA ASN B 219 26.71 29.27 -9.59
C ASN B 219 25.93 30.25 -10.47
N LYS B 220 24.92 29.78 -11.20
CA LYS B 220 24.09 30.64 -12.02
C LYS B 220 22.83 31.11 -11.30
N GLY B 221 22.69 30.78 -10.02
CA GLY B 221 21.53 31.20 -9.26
C GLY B 221 20.26 30.40 -9.51
N GLU B 222 20.35 29.33 -10.29
CA GLU B 222 19.16 28.54 -10.61
C GLU B 222 18.71 27.68 -9.44
N THR B 223 19.64 27.08 -8.70
CA THR B 223 19.29 26.28 -7.54
C THR B 223 19.74 26.99 -6.27
N ALA B 224 18.96 26.81 -5.21
CA ALA B 224 19.22 27.51 -3.95
C ALA B 224 20.31 26.84 -3.13
N MET B 225 20.36 25.51 -3.13
CA MET B 225 21.29 24.77 -2.29
C MET B 225 21.92 23.63 -3.08
N THR B 226 23.12 23.26 -2.65
CA THR B 226 23.84 22.12 -3.21
C THR B 226 24.72 21.51 -2.14
N ILE B 227 25.15 20.28 -2.37
CA ILE B 227 26.01 19.54 -1.45
C ILE B 227 27.35 19.34 -2.13
N ASN B 228 28.42 19.84 -1.51
CA ASN B 228 29.74 19.79 -2.10
C ASN B 228 30.78 19.98 -1.01
N GLY B 229 32.05 20.05 -1.41
CA GLY B 229 33.14 20.18 -0.48
C GLY B 229 33.92 21.47 -0.63
N PRO B 230 34.98 21.63 0.16
CA PRO B 230 35.76 22.88 0.12
C PRO B 230 36.46 23.15 -1.19
N TRP B 231 36.67 22.13 -2.03
CA TRP B 231 37.43 22.31 -3.26
C TRP B 231 36.72 23.27 -4.21
N ALA B 232 35.40 23.22 -4.27
CA ALA B 232 34.62 24.01 -5.21
C ALA B 232 34.29 25.41 -4.71
N TRP B 233 34.80 25.79 -3.53
CA TRP B 233 34.53 27.13 -3.01
C TRP B 233 35.10 28.21 -3.91
N SER B 234 36.22 27.93 -4.57
CA SER B 234 36.85 28.94 -5.44
C SER B 234 35.97 29.27 -6.64
N ASN B 235 35.34 28.26 -7.24
CA ASN B 235 34.49 28.50 -8.40
C ASN B 235 33.29 29.36 -8.05
N ILE B 236 32.69 29.12 -6.88
CA ILE B 236 31.55 29.92 -6.44
C ILE B 236 32.00 31.34 -6.11
N ASP B 237 33.23 31.52 -5.66
CA ASP B 237 33.74 32.85 -5.38
C ASP B 237 33.77 33.70 -6.65
N THR B 238 34.20 33.12 -7.76
CA THR B 238 34.25 33.84 -9.03
C THR B 238 32.87 33.85 -9.69
N SER B 239 31.86 34.29 -8.95
CA SER B 239 30.50 34.37 -9.45
C SER B 239 29.73 35.36 -8.59
N ALA B 240 28.48 35.61 -8.99
CA ALA B 240 27.62 36.58 -8.31
C ALA B 240 26.74 35.94 -7.25
N VAL B 241 27.18 34.85 -6.63
CA VAL B 241 26.40 34.11 -5.65
C VAL B 241 26.98 34.38 -4.26
N ASN B 242 26.11 34.74 -3.33
CA ASN B 242 26.49 34.95 -1.92
C ASN B 242 26.18 33.66 -1.18
N TYR B 243 27.15 32.75 -1.13
CA TYR B 243 26.93 31.42 -0.58
C TYR B 243 27.25 31.38 0.91
N GLY B 244 26.77 30.32 1.55
CA GLY B 244 27.07 30.03 2.94
C GLY B 244 27.20 28.55 3.18
N VAL B 245 28.16 28.15 4.00
CA VAL B 245 28.44 26.74 4.29
C VAL B 245 27.94 26.44 5.69
N THR B 246 27.04 25.47 5.80
CA THR B 246 26.38 25.18 7.08
C THR B 246 26.33 23.66 7.26
N VAL B 247 25.64 23.23 8.31
CA VAL B 247 25.51 21.82 8.62
C VAL B 247 24.65 21.13 7.57
N LEU B 248 24.95 19.85 7.32
CA LEU B 248 24.09 19.05 6.48
C LEU B 248 22.76 18.80 7.19
N PRO B 249 21.67 18.69 6.43
CA PRO B 249 20.35 18.50 7.06
C PRO B 249 20.27 17.16 7.80
N THR B 250 19.43 17.14 8.82
CA THR B 250 19.22 15.94 9.62
C THR B 250 18.05 15.15 9.07
N PHE B 251 18.27 13.87 8.81
CA PHE B 251 17.25 12.99 8.26
C PHE B 251 16.71 12.07 9.35
N LYS B 252 15.39 12.06 9.49
CA LYS B 252 14.70 11.21 10.47
C LYS B 252 15.19 11.48 11.89
N GLY B 253 15.55 12.72 12.18
CA GLY B 253 15.99 13.11 13.50
C GLY B 253 17.44 12.83 13.82
N GLN B 254 18.19 12.21 12.90
CA GLN B 254 19.58 11.90 13.12
C GLN B 254 20.46 12.62 12.09
N PRO B 255 21.65 13.06 12.48
CA PRO B 255 22.49 13.85 11.56
C PRO B 255 23.00 13.01 10.40
N SER B 256 23.25 13.69 9.29
CA SER B 256 23.84 13.05 8.12
C SER B 256 25.29 12.68 8.39
N LYS B 257 25.78 11.70 7.64
CA LYS B 257 27.12 11.14 7.85
C LYS B 257 27.90 11.14 6.55
N PRO B 258 28.50 12.27 6.19
CA PRO B 258 29.38 12.29 5.01
C PRO B 258 30.72 11.61 5.30
N PHE B 259 31.34 11.11 4.24
CA PHE B 259 32.66 10.51 4.38
C PHE B 259 33.69 11.58 4.74
N VAL B 260 34.59 11.24 5.66
CA VAL B 260 35.59 12.16 6.18
C VAL B 260 36.97 11.65 5.81
N GLY B 261 37.76 12.49 5.15
CA GLY B 261 39.14 12.18 4.81
C GLY B 261 40.09 13.08 5.59
N VAL B 262 41.05 12.44 6.25
CA VAL B 262 42.01 13.13 7.11
C VAL B 262 43.36 13.12 6.43
N LEU B 263 43.87 14.30 6.09
CA LEU B 263 45.24 14.42 5.61
C LEU B 263 46.18 14.08 6.75
N SER B 264 47.08 13.12 6.52
CA SER B 264 47.87 12.54 7.59
C SER B 264 49.33 12.50 7.19
N ALA B 265 50.20 12.53 8.21
CA ALA B 265 51.65 12.54 8.03
C ALA B 265 52.21 11.22 8.55
N GLY B 266 52.58 10.34 7.64
CA GLY B 266 53.16 9.05 7.98
C GLY B 266 54.68 9.08 7.88
N ILE B 267 55.32 8.25 8.70
CA ILE B 267 56.78 8.15 8.74
C ILE B 267 57.17 6.78 8.21
N ASN B 268 58.11 6.75 7.27
CA ASN B 268 58.55 5.49 6.68
C ASN B 268 59.28 4.65 7.72
N ALA B 269 58.98 3.34 7.72
CA ALA B 269 59.58 2.44 8.70
C ALA B 269 61.04 2.15 8.41
N ALA B 270 61.50 2.36 7.18
CA ALA B 270 62.89 2.16 6.82
C ALA B 270 63.74 3.42 7.03
N SER B 271 63.13 4.50 7.51
CA SER B 271 63.85 5.75 7.67
C SER B 271 64.65 5.73 8.97
N PRO B 272 65.97 5.96 8.92
CA PRO B 272 66.73 6.15 10.16
C PRO B 272 66.55 7.54 10.78
N ASN B 273 65.75 8.40 10.15
CA ASN B 273 65.50 9.75 10.63
C ASN B 273 64.14 9.89 11.32
N LYS B 274 63.66 8.81 11.91
CA LYS B 274 62.30 8.86 12.49
C LYS B 274 62.29 9.94 13.57
N GLU B 275 63.33 9.98 14.40
CA GLU B 275 63.35 10.96 15.52
C GLU B 275 63.31 12.35 14.90
N LEU B 276 64.12 12.60 13.87
CA LEU B 276 64.01 13.89 13.20
C LEU B 276 62.58 14.14 12.72
N ALA B 277 61.93 13.12 12.18
CA ALA B 277 60.58 13.28 11.65
C ALA B 277 59.59 13.61 12.76
N LYS B 278 59.67 12.91 13.90
CA LYS B 278 58.79 13.22 15.02
C LYS B 278 59.03 14.63 15.55
N GLU B 279 60.30 15.03 15.63
CA GLU B 279 60.62 16.39 16.06
C GLU B 279 60.09 17.41 15.06
N PHE B 280 60.18 17.11 13.77
CA PHE B 280 59.70 18.03 12.74
C PHE B 280 58.18 18.18 12.80
N LEU B 281 57.46 17.07 12.84
CA LEU B 281 56.00 17.14 12.75
C LEU B 281 55.39 17.66 14.04
N GLU B 282 55.85 17.15 15.20
CA GLU B 282 55.21 17.50 16.46
C GLU B 282 55.51 18.94 16.85
N ASN B 283 56.79 19.35 16.78
CA ASN B 283 57.20 20.62 17.34
C ASN B 283 57.13 21.77 16.35
N TYR B 284 57.19 21.52 15.05
CA TYR B 284 57.24 22.58 14.06
C TYR B 284 56.00 22.61 13.17
N LEU B 285 55.68 21.49 12.50
CA LEU B 285 54.56 21.49 11.57
C LEU B 285 53.22 21.62 12.29
N LEU B 286 53.08 20.80 13.33
CA LEU B 286 51.79 20.77 14.05
C LEU B 286 51.79 21.87 15.11
N THR B 287 51.96 23.11 14.68
CA THR B 287 51.85 24.28 15.53
C THR B 287 51.08 25.35 14.77
N ASP B 288 50.64 26.39 15.51
CA ASP B 288 49.89 27.46 14.87
C ASP B 288 50.73 28.19 13.82
N GLU B 289 52.04 28.30 14.05
CA GLU B 289 52.90 28.96 13.07
C GLU B 289 53.14 28.07 11.86
N GLY B 290 53.38 26.78 12.08
CA GLY B 290 53.66 25.89 10.96
C GLY B 290 52.46 25.69 10.04
N LEU B 291 51.28 25.47 10.61
CA LEU B 291 50.09 25.26 9.79
C LEU B 291 49.71 26.51 9.01
N GLU B 292 49.84 27.68 9.63
CA GLU B 292 49.51 28.92 8.93
C GLU B 292 50.48 29.18 7.78
N ALA B 293 51.73 28.72 7.90
CA ALA B 293 52.66 28.81 6.79
C ALA B 293 52.19 27.97 5.61
N VAL B 294 51.70 26.76 5.89
CA VAL B 294 51.06 25.96 4.85
C VAL B 294 49.74 26.60 4.44
N ASN B 295 49.03 27.18 5.40
CA ASN B 295 47.72 27.78 5.10
C ASN B 295 47.84 29.00 4.20
N LYS B 296 49.02 29.62 4.10
CA LYS B 296 49.19 30.70 3.15
C LYS B 296 49.15 30.18 1.71
N ASP B 297 49.88 29.10 1.44
CA ASP B 297 49.93 28.53 0.09
C ASP B 297 48.68 27.74 -0.24
N LYS B 298 48.10 27.04 0.74
CA LYS B 298 46.94 26.19 0.53
C LYS B 298 45.86 26.52 1.53
N PRO B 299 44.58 26.49 1.14
CA PRO B 299 43.51 26.73 2.13
C PRO B 299 43.55 25.75 3.30
N LEU B 300 43.94 24.50 3.07
CA LEU B 300 44.16 23.46 4.07
C LEU B 300 42.87 23.06 4.79
N GLY B 301 41.75 23.70 4.51
CA GLY B 301 40.49 23.34 5.14
C GLY B 301 40.55 23.48 6.64
N ALA B 302 39.86 22.56 7.33
CA ALA B 302 39.89 22.49 8.79
C ALA B 302 41.05 21.61 9.23
N VAL B 303 41.77 22.07 10.25
CA VAL B 303 43.01 21.43 10.70
C VAL B 303 42.74 20.58 11.93
N ALA B 304 43.58 19.57 12.12
CA ALA B 304 43.42 18.68 13.27
C ALA B 304 43.89 19.33 14.56
N LEU B 305 44.81 20.29 14.47
CA LEU B 305 45.30 20.98 15.66
C LEU B 305 44.20 21.84 16.25
N LYS B 306 43.88 21.60 17.52
CA LYS B 306 42.74 22.28 18.15
C LYS B 306 42.99 23.78 18.29
N SER B 307 44.23 24.17 18.57
CA SER B 307 44.54 25.59 18.75
C SER B 307 44.33 26.37 17.46
N TYR B 308 44.82 25.84 16.34
CA TYR B 308 44.70 26.53 15.06
C TYR B 308 43.29 26.42 14.48
N GLU B 309 42.58 25.33 14.80
CA GLU B 309 41.21 25.19 14.31
C GLU B 309 40.29 26.25 14.90
N GLU B 310 40.48 26.57 16.18
CA GLU B 310 39.65 27.59 16.82
C GLU B 310 39.81 28.95 16.16
N GLU B 311 40.99 29.25 15.63
CA GLU B 311 41.18 30.49 14.88
C GLU B 311 40.51 30.41 13.51
N LEU B 312 40.58 29.25 12.86
CA LEU B 312 39.93 29.08 11.56
C LEU B 312 38.42 28.89 11.68
N ALA B 313 37.93 28.44 12.83
CA ALA B 313 36.49 28.28 13.02
C ALA B 313 35.75 29.61 12.98
N LYS B 314 36.48 30.73 13.10
CA LYS B 314 35.86 32.04 12.92
C LYS B 314 35.30 32.20 11.51
N ASP B 315 35.82 31.46 10.54
CA ASP B 315 35.18 31.33 9.24
C ASP B 315 34.13 30.23 9.33
N PRO B 316 32.85 30.56 9.19
CA PRO B 316 31.80 29.54 9.38
C PRO B 316 31.88 28.41 8.37
N ARG B 317 32.48 28.63 7.20
CA ARG B 317 32.64 27.54 6.25
C ARG B 317 33.52 26.43 6.82
N ILE B 318 34.65 26.80 7.42
CA ILE B 318 35.54 25.82 8.02
C ILE B 318 34.90 25.21 9.26
N ALA B 319 34.19 26.04 10.04
CA ALA B 319 33.49 25.52 11.22
C ALA B 319 32.44 24.50 10.82
N ALA B 320 31.69 24.78 9.74
CA ALA B 320 30.71 23.81 9.24
C ALA B 320 31.39 22.58 8.67
N THR B 321 32.55 22.77 8.03
CA THR B 321 33.29 21.62 7.50
C THR B 321 33.72 20.68 8.63
N MET B 322 34.20 21.24 9.73
CA MET B 322 34.55 20.42 10.89
C MET B 322 33.31 19.81 11.52
N GLU B 323 32.22 20.57 11.59
CA GLU B 323 31.00 20.04 12.22
C GLU B 323 30.45 18.86 11.46
N ASN B 324 30.42 18.93 10.12
CA ASN B 324 30.00 17.79 9.33
C ASN B 324 30.98 16.63 9.45
N ALA B 325 32.28 16.93 9.52
CA ALA B 325 33.27 15.88 9.68
C ALA B 325 33.12 15.17 11.02
N GLN B 326 32.84 15.93 12.09
CA GLN B 326 32.65 15.31 13.39
C GLN B 326 31.41 14.43 13.42
N LYS B 327 30.32 14.88 12.78
CA LYS B 327 29.11 14.06 12.72
C LYS B 327 29.23 12.90 11.75
N GLY B 328 30.14 12.99 10.78
CA GLY B 328 30.17 12.07 9.67
C GLY B 328 30.88 10.77 9.98
N GLU B 329 31.06 9.97 8.93
CA GLU B 329 31.67 8.65 9.02
C GLU B 329 33.08 8.71 8.46
N ILE B 330 34.05 8.23 9.24
CA ILE B 330 35.44 8.20 8.79
C ILE B 330 35.58 7.17 7.69
N MET B 331 36.21 7.58 6.59
CA MET B 331 36.42 6.67 5.48
C MET B 331 37.34 5.54 5.90
N PRO B 332 36.93 4.28 5.77
CA PRO B 332 37.79 3.17 6.24
C PRO B 332 39.12 3.14 5.50
N ASN B 333 40.16 2.78 6.25
CA ASN B 333 41.52 2.75 5.71
C ASN B 333 41.88 1.40 5.09
N ILE B 334 41.01 0.40 5.18
CA ILE B 334 41.26 -0.90 4.58
C ILE B 334 41.16 -0.78 3.07
N PRO B 335 41.93 -1.55 2.30
CA PRO B 335 41.83 -1.47 0.84
C PRO B 335 40.58 -2.12 0.27
N GLN B 336 39.77 -2.78 1.10
CA GLN B 336 38.54 -3.41 0.63
C GLN B 336 37.43 -2.41 0.33
N MET B 337 37.71 -1.11 0.37
CA MET B 337 36.71 -0.10 0.03
C MET B 337 36.42 -0.02 -1.46
N SER B 338 37.27 -0.63 -2.31
CA SER B 338 37.00 -0.64 -3.74
C SER B 338 35.71 -1.40 -4.05
N ALA B 339 35.41 -2.45 -3.29
CA ALA B 339 34.14 -3.16 -3.45
C ALA B 339 32.96 -2.25 -3.11
N PHE B 340 33.09 -1.43 -2.08
CA PHE B 340 31.95 -0.58 -1.67
C PHE B 340 31.69 0.44 -2.79
N TRP B 341 32.76 0.97 -3.35
CA TRP B 341 32.62 2.05 -4.36
C TRP B 341 31.83 1.52 -5.56
N TYR B 342 32.21 0.36 -6.08
CA TYR B 342 31.54 -0.18 -7.29
C TYR B 342 30.08 -0.53 -7.02
N ALA B 343 29.82 -1.24 -5.93
CA ALA B 343 28.47 -1.75 -5.73
C ALA B 343 27.48 -0.63 -5.44
N VAL B 344 27.84 0.30 -4.56
CA VAL B 344 26.90 1.32 -4.14
C VAL B 344 26.60 2.28 -5.28
N ARG B 345 27.60 2.63 -6.08
CA ARG B 345 27.38 3.57 -7.17
C ARG B 345 26.34 3.05 -8.16
N THR B 346 26.45 1.77 -8.53
CA THR B 346 25.48 1.19 -9.46
C THR B 346 24.11 1.04 -8.80
N ALA B 347 24.09 0.65 -7.53
CA ALA B 347 22.81 0.43 -6.84
C ALA B 347 22.03 1.73 -6.72
N VAL B 348 22.69 2.83 -6.36
CA VAL B 348 21.99 4.10 -6.21
C VAL B 348 21.48 4.60 -7.55
N ILE B 349 22.31 4.49 -8.60
CA ILE B 349 21.90 4.96 -9.92
C ILE B 349 20.70 4.14 -10.42
N ASN B 350 20.75 2.83 -10.26
CA ASN B 350 19.64 1.98 -10.68
C ASN B 350 18.37 2.30 -9.89
N ALA B 351 18.50 2.50 -8.58
CA ALA B 351 17.35 2.87 -7.77
C ALA B 351 16.82 4.25 -8.14
N ALA B 352 17.73 5.18 -8.46
CA ALA B 352 17.31 6.52 -8.86
C ALA B 352 16.54 6.50 -10.17
N SER B 353 17.01 5.74 -11.15
CA SER B 353 16.38 5.69 -12.46
C SER B 353 15.10 4.86 -12.47
N GLY B 354 14.79 4.15 -11.40
CA GLY B 354 13.64 3.29 -11.36
C GLY B 354 13.84 1.91 -11.96
N ARG B 355 15.03 1.61 -12.47
CA ARG B 355 15.30 0.29 -13.03
C ARG B 355 15.24 -0.79 -11.96
N GLN B 356 15.61 -0.48 -10.73
CA GLN B 356 15.68 -1.45 -9.66
C GLN B 356 15.10 -0.85 -8.39
N THR B 357 14.34 -1.65 -7.64
CA THR B 357 13.74 -1.17 -6.41
C THR B 357 14.79 -1.00 -5.32
N VAL B 358 14.43 -0.23 -4.28
CA VAL B 358 15.37 0.08 -3.22
C VAL B 358 15.81 -1.18 -2.49
N ASP B 359 14.86 -2.05 -2.16
CA ASP B 359 15.19 -3.29 -1.46
C ASP B 359 16.06 -4.21 -2.34
N GLU B 360 15.73 -4.31 -3.62
CA GLU B 360 16.47 -5.19 -4.51
C GLU B 360 17.86 -4.64 -4.82
N ALA B 361 17.96 -3.33 -5.05
CA ALA B 361 19.25 -2.73 -5.40
C ALA B 361 20.24 -2.83 -4.25
N LEU B 362 19.80 -2.56 -3.03
CA LEU B 362 20.69 -2.60 -1.88
C LEU B 362 21.07 -4.03 -1.51
N LYS B 363 20.15 -4.97 -1.65
CA LYS B 363 20.46 -6.36 -1.37
C LYS B 363 21.50 -6.91 -2.34
N ASP B 364 21.39 -6.54 -3.62
CA ASP B 364 22.41 -6.95 -4.59
C ASP B 364 23.75 -6.27 -4.32
N ALA B 365 23.72 -5.06 -3.75
CA ALA B 365 24.98 -4.37 -3.45
C ALA B 365 25.74 -5.06 -2.33
N GLN B 366 25.05 -5.45 -1.25
CA GLN B 366 25.71 -6.18 -0.18
C GLN B 366 26.22 -7.53 -0.66
N THR B 367 25.44 -8.20 -1.51
CA THR B 367 25.88 -9.48 -2.08
C THR B 367 27.19 -9.32 -2.84
N ALA B 368 27.35 -8.18 -3.53
CA ALA B 368 28.59 -7.93 -4.27
C ALA B 368 29.69 -7.35 -3.38
N ALA B 369 29.32 -6.65 -2.30
CA ALA B 369 30.33 -6.02 -1.46
C ALA B 369 31.16 -7.05 -0.71
N ARG B 370 30.50 -8.02 -0.06
CA ARG B 370 31.23 -9.04 0.68
C ARG B 370 32.08 -9.91 -0.23
N ALA B 371 31.55 -10.26 -1.40
CA ALA B 371 32.25 -11.18 -2.30
C ALA B 371 33.53 -10.57 -2.86
N PHE B 372 33.45 -9.30 -3.30
CA PHE B 372 34.64 -8.65 -3.83
C PHE B 372 35.67 -8.39 -2.74
N ALA B 373 35.23 -8.16 -1.51
CA ALA B 373 36.15 -7.86 -0.42
C ALA B 373 37.08 -9.03 -0.14
N ALA B 374 36.54 -10.26 -0.14
CA ALA B 374 37.35 -11.45 0.08
C ALA B 374 37.96 -11.93 -1.24
N ALA B 375 38.80 -11.07 -1.81
CA ALA B 375 39.43 -11.35 -3.09
C ALA B 375 40.69 -10.49 -3.21
N GLY B 376 41.55 -10.88 -4.14
CA GLY B 376 42.76 -10.11 -4.39
C GLY B 376 42.47 -8.72 -4.92
N SER B 377 41.54 -8.61 -5.88
CA SER B 377 41.20 -7.34 -6.49
C SER B 377 39.80 -7.46 -7.10
N MET B 378 39.44 -6.49 -7.94
CA MET B 378 38.14 -6.47 -8.61
C MET B 378 38.08 -7.38 -9.82
N SER B 379 39.20 -8.02 -10.20
CA SER B 379 39.22 -8.86 -11.39
C SER B 379 38.27 -10.03 -11.24
N SER B 380 37.41 -10.22 -12.24
CA SER B 380 36.44 -11.32 -12.19
C SER B 380 37.11 -12.67 -12.34
N LYS B 381 38.22 -12.74 -13.09
CA LYS B 381 38.95 -13.99 -13.26
C LYS B 381 39.56 -14.39 -11.92
N GLY B 382 39.04 -15.48 -11.35
CA GLY B 382 39.43 -15.93 -10.03
C GLY B 382 38.42 -15.64 -8.94
N LEU B 383 37.26 -15.10 -9.27
CA LEU B 383 36.23 -14.80 -8.29
C LEU B 383 35.26 -15.98 -8.17
N SER B 384 34.19 -15.79 -7.42
CA SER B 384 33.19 -16.82 -7.19
C SER B 384 32.01 -16.66 -8.14
N ALA B 385 31.21 -17.72 -8.25
CA ALA B 385 30.00 -17.66 -9.07
C ALA B 385 28.95 -16.76 -8.44
N VAL B 386 28.89 -16.72 -7.11
CA VAL B 386 27.93 -15.85 -6.43
C VAL B 386 28.25 -14.39 -6.70
N ALA B 387 29.55 -14.05 -6.75
CA ALA B 387 29.96 -12.67 -7.00
C ALA B 387 29.55 -12.20 -8.39
N ARG B 388 29.81 -13.04 -9.40
CA ARG B 388 29.58 -12.60 -10.78
C ARG B 388 28.09 -12.45 -11.09
N THR B 389 27.24 -13.25 -10.44
CA THR B 389 25.81 -13.05 -10.62
C THR B 389 25.33 -11.74 -10.00
N ALA B 390 25.97 -11.31 -8.91
CA ALA B 390 25.64 -10.02 -8.31
C ALA B 390 26.07 -8.87 -9.21
N LYS B 391 27.22 -9.02 -9.88
CA LYS B 391 27.66 -8.00 -10.82
C LYS B 391 26.68 -7.86 -11.98
N PHE B 392 26.13 -8.98 -12.45
CA PHE B 392 25.19 -8.94 -13.56
C PHE B 392 23.93 -8.16 -13.19
N ALA B 393 23.41 -8.39 -11.97
CA ALA B 393 22.18 -7.71 -11.57
C ALA B 393 22.38 -6.22 -11.40
N LEU B 394 23.62 -5.78 -11.13
CA LEU B 394 23.92 -4.36 -11.02
C LEU B 394 24.22 -3.74 -12.39
N SER B 395 24.94 -4.46 -13.25
CA SER B 395 25.27 -3.94 -14.57
C SER B 395 24.05 -3.90 -15.48
N HIS B 396 23.22 -4.95 -15.43
CA HIS B 396 22.02 -5.07 -16.27
C HIS B 396 20.84 -5.39 -15.37
N PRO B 397 20.28 -4.39 -14.68
CA PRO B 397 19.21 -4.69 -13.72
C PRO B 397 17.89 -5.10 -14.37
N LEU B 398 17.49 -4.43 -15.45
CA LEU B 398 16.21 -4.75 -16.07
C LEU B 398 16.22 -6.16 -16.64
N ILE B 399 17.33 -6.57 -17.27
CA ILE B 399 17.43 -7.92 -17.80
C ILE B 399 17.40 -8.95 -16.68
N ALA B 400 18.04 -8.63 -15.54
CA ALA B 400 18.09 -9.55 -14.42
C ALA B 400 16.71 -9.79 -13.80
N ALA B 401 15.75 -8.89 -14.00
CA ALA B 401 14.40 -9.14 -13.53
C ALA B 401 13.67 -10.14 -14.42
N GLU B 402 13.88 -10.04 -15.74
CA GLU B 402 13.29 -11.01 -16.66
C GLU B 402 13.89 -12.39 -16.46
N ILE B 403 15.19 -12.46 -16.22
CA ILE B 403 15.87 -13.72 -15.91
C ILE B 403 15.99 -13.77 -14.39
N GLY B 404 14.96 -14.28 -13.73
CA GLY B 404 14.96 -14.41 -12.29
C GLY B 404 15.55 -15.72 -11.84
N TYR B 405 15.03 -16.25 -10.74
CA TYR B 405 15.32 -17.59 -10.28
C TYR B 405 14.08 -18.45 -10.46
N TRP B 406 14.17 -19.70 -10.02
CA TRP B 406 13.03 -20.61 -10.09
C TRP B 406 12.05 -20.28 -8.96
N ILE B 407 10.82 -19.92 -9.33
CA ILE B 407 9.77 -19.57 -8.39
C ILE B 407 8.50 -20.30 -8.79
N LYS B 408 7.81 -20.87 -7.81
CA LYS B 408 6.55 -21.57 -8.07
C LYS B 408 5.55 -20.62 -8.72
N GLY B 409 5.07 -20.99 -9.91
CA GLY B 409 4.11 -20.17 -10.61
C GLY B 409 4.65 -18.86 -11.14
N SER B 410 5.93 -18.81 -11.48
CA SER B 410 6.54 -17.59 -12.00
C SER B 410 6.50 -17.57 -13.51
N THR B 411 6.49 -16.35 -14.08
CA THR B 411 6.44 -16.16 -15.51
C THR B 411 7.76 -15.67 -16.10
N ASN B 412 8.81 -15.57 -15.29
CA ASN B 412 10.09 -15.11 -15.80
C ASN B 412 10.78 -16.22 -16.60
N ILE B 413 11.84 -15.83 -17.32
CA ILE B 413 12.48 -16.74 -18.26
C ILE B 413 13.08 -17.94 -17.54
N SER B 414 13.72 -17.72 -16.40
CA SER B 414 14.41 -18.80 -15.71
C SER B 414 13.43 -19.87 -15.22
N THR B 415 12.21 -19.47 -14.84
CA THR B 415 11.24 -20.45 -14.36
C THR B 415 10.48 -21.10 -15.51
N ASN B 416 10.17 -20.33 -16.56
CA ASN B 416 9.44 -20.90 -17.69
C ASN B 416 10.24 -21.99 -18.37
N ALA B 417 11.56 -21.83 -18.46
CA ALA B 417 12.41 -22.86 -19.02
C ALA B 417 12.34 -24.16 -18.21
N VAL B 418 12.02 -24.05 -16.92
CA VAL B 418 11.85 -25.25 -16.10
C VAL B 418 10.57 -26.00 -16.51
N ARG B 419 9.51 -25.25 -16.82
CA ARG B 419 8.25 -25.89 -17.20
C ARG B 419 8.42 -26.72 -18.48
N PHE B 420 9.11 -26.17 -19.47
CA PHE B 420 9.34 -26.92 -20.71
C PHE B 420 10.22 -28.13 -20.46
N ALA B 421 11.26 -27.98 -19.63
CA ALA B 421 12.15 -29.10 -19.35
C ALA B 421 11.47 -30.14 -18.46
N THR B 422 10.77 -29.68 -17.42
CA THR B 422 10.04 -30.58 -16.52
C THR B 422 8.58 -30.61 -16.98
N ARG B 423 8.33 -31.43 -18.00
CA ARG B 423 7.00 -31.54 -18.61
C ARG B 423 6.64 -33.02 -18.67
N ASN B 424 5.70 -33.44 -17.82
CA ASN B 424 5.23 -34.82 -17.73
C ASN B 424 6.36 -35.79 -17.40
N ASP B 425 7.45 -35.30 -16.80
CA ASP B 425 8.59 -36.12 -16.42
C ASP B 425 9.15 -36.90 -17.60
N VAL B 426 9.01 -36.35 -18.80
CA VAL B 426 9.50 -37.02 -20.00
C VAL B 426 11.02 -37.08 -20.00
N LEU B 427 11.67 -35.97 -19.66
CA LEU B 427 13.13 -35.91 -19.63
C LEU B 427 13.65 -36.38 -18.28
N SER B 428 14.71 -37.18 -18.31
CA SER B 428 15.29 -37.71 -17.07
C SER B 428 15.88 -36.58 -16.24
N GLY B 429 15.60 -36.62 -14.94
CA GLY B 429 16.06 -35.59 -14.02
C GLY B 429 17.47 -35.84 -13.52
N GLY B 430 17.95 -34.87 -12.75
CA GLY B 430 19.28 -34.94 -12.18
C GLY B 430 20.28 -34.08 -12.93
N ASP B 431 21.31 -33.63 -12.21
CA ASP B 431 22.36 -32.85 -12.84
C ASP B 431 23.16 -33.72 -13.81
N GLY B 432 23.47 -33.15 -14.98
CA GLY B 432 24.13 -33.89 -16.02
C GLY B 432 23.23 -34.81 -16.83
N ALA B 433 21.92 -34.75 -16.62
CA ALA B 433 20.97 -35.56 -17.35
C ALA B 433 20.42 -34.78 -18.54
N GLU B 434 19.42 -35.35 -19.21
CA GLU B 434 18.87 -34.74 -20.42
C GLU B 434 17.92 -33.59 -20.13
N SER B 435 17.32 -33.53 -18.95
CA SER B 435 16.49 -32.39 -18.61
C SER B 435 17.34 -31.17 -18.28
N ASN B 436 18.46 -31.37 -17.59
CA ASN B 436 19.38 -30.27 -17.31
C ASN B 436 20.00 -29.73 -18.59
N ALA B 437 20.36 -30.62 -19.52
CA ALA B 437 20.92 -30.18 -20.80
C ALA B 437 19.90 -29.39 -21.59
N PHE B 438 18.63 -29.82 -21.58
CA PHE B 438 17.59 -29.09 -22.31
C PHE B 438 17.36 -27.72 -21.71
N ARG B 439 17.30 -27.61 -20.38
CA ARG B 439 16.97 -26.35 -19.75
C ARG B 439 18.02 -25.28 -20.04
N HIS B 440 19.31 -25.64 -19.95
CA HIS B 440 20.36 -24.68 -20.24
C HIS B 440 20.31 -24.21 -21.68
N THR B 441 20.07 -25.14 -22.61
CA THR B 441 20.02 -24.77 -24.02
C THR B 441 18.87 -23.83 -24.33
N LEU B 442 17.69 -24.09 -23.75
CA LEU B 442 16.57 -23.18 -23.93
C LEU B 442 16.79 -21.88 -23.18
N TRP B 443 17.36 -21.95 -21.97
CA TRP B 443 17.57 -20.76 -21.16
C TRP B 443 18.50 -19.78 -21.86
N GLN B 444 19.58 -20.28 -22.46
CA GLN B 444 20.47 -19.41 -23.21
C GLN B 444 19.83 -18.94 -24.51
N SER B 445 19.04 -19.81 -25.15
CA SER B 445 18.49 -19.49 -26.48
C SER B 445 17.54 -18.31 -26.41
N TYR B 446 16.61 -18.32 -25.46
CA TYR B 446 15.61 -17.25 -25.39
C TYR B 446 16.24 -15.92 -25.03
N ILE B 447 17.20 -15.92 -24.11
CA ILE B 447 17.84 -14.66 -23.73
C ILE B 447 18.79 -14.18 -24.82
N THR B 448 19.43 -15.11 -25.55
CA THR B 448 20.22 -14.72 -26.71
C THR B 448 19.33 -14.11 -27.78
N ASN B 449 18.16 -14.70 -27.99
CA ASN B 449 17.24 -14.20 -29.01
C ASN B 449 16.75 -12.79 -28.68
N ARG B 450 16.45 -12.53 -27.41
CA ARG B 450 15.84 -11.27 -27.03
C ARG B 450 16.84 -10.20 -26.64
N HIS B 451 17.94 -10.63 -26.00
CA HIS B 451 18.93 -9.65 -25.48
C HIS B 451 20.18 -9.68 -26.35
N GLY B 452 20.87 -10.83 -26.40
CA GLY B 452 22.13 -10.81 -27.16
C GLY B 452 23.11 -11.88 -26.74
N ILE B 453 24.17 -12.04 -27.52
CA ILE B 453 25.20 -13.06 -27.22
C ILE B 453 26.01 -12.58 -26.02
N GLU B 454 26.40 -11.30 -26.00
CA GLU B 454 27.25 -10.87 -24.89
C GLU B 454 26.53 -11.00 -23.55
N ILE B 455 25.25 -10.64 -23.51
CA ILE B 455 24.48 -10.79 -22.27
C ILE B 455 24.36 -12.25 -21.88
N ALA B 456 24.10 -13.12 -22.86
CA ALA B 456 23.95 -14.55 -22.57
C ALA B 456 25.23 -15.15 -22.03
N THR B 457 26.37 -14.76 -22.61
CA THR B 457 27.65 -15.30 -22.14
C THR B 457 27.93 -14.88 -20.70
N SER B 458 27.61 -13.63 -20.35
CA SER B 458 27.92 -13.14 -19.01
C SER B 458 27.14 -13.89 -17.95
N ILE B 459 25.81 -13.97 -18.10
CA ILE B 459 24.98 -14.61 -17.08
C ILE B 459 25.19 -16.12 -17.09
N GLY B 460 25.38 -16.71 -18.27
CA GLY B 460 25.62 -18.15 -18.33
C GLY B 460 26.94 -18.55 -17.69
N ASN B 461 27.97 -17.74 -17.89
CA ASN B 461 29.26 -17.99 -17.25
C ASN B 461 29.26 -17.63 -15.77
N ALA B 462 28.38 -16.71 -15.35
CA ALA B 462 28.34 -16.33 -13.95
C ALA B 462 27.79 -17.45 -13.06
N HIS B 463 26.89 -18.27 -13.60
CA HIS B 463 26.33 -19.38 -12.83
C HIS B 463 27.31 -20.52 -12.65
N GLU B 464 28.46 -20.49 -13.33
CA GLU B 464 29.48 -21.52 -13.20
C GLU B 464 30.71 -20.92 -12.52
N GLU B 465 31.32 -21.72 -11.63
CA GLU B 465 32.44 -21.21 -10.83
C GLU B 465 33.64 -20.86 -11.68
N ASN B 466 33.99 -21.72 -12.65
CA ASN B 466 35.14 -21.50 -13.51
C ASN B 466 34.71 -21.65 -14.97
N PRO B 467 34.19 -20.58 -15.58
CA PRO B 467 33.75 -20.69 -16.98
C PRO B 467 34.88 -20.83 -17.97
N ASP B 468 36.12 -20.55 -17.59
CA ASP B 468 37.25 -20.61 -18.50
C ASP B 468 37.89 -21.99 -18.55
N VAL B 469 37.25 -23.00 -17.95
CA VAL B 469 37.76 -24.36 -18.03
C VAL B 469 37.74 -24.84 -19.47
N ASN B 470 38.67 -25.74 -19.81
CA ASN B 470 38.79 -26.22 -21.18
C ASN B 470 37.52 -26.95 -21.61
N LEU B 471 36.96 -26.56 -22.74
CA LEU B 471 35.73 -27.12 -23.24
C LEU B 471 35.93 -28.28 -24.21
N ARG B 472 37.18 -28.54 -24.62
CA ARG B 472 37.48 -29.65 -25.51
C ARG B 472 37.76 -30.95 -24.77
N ASN B 473 37.78 -30.93 -23.44
CA ASN B 473 38.08 -32.10 -22.64
C ASN B 473 36.77 -32.75 -22.20
N ARG B 474 36.68 -34.08 -22.40
CA ARG B 474 35.47 -34.83 -22.10
C ARG B 474 35.76 -36.02 -21.20
N ARG B 475 36.73 -35.87 -20.29
CA ARG B 475 37.08 -36.91 -19.33
C ARG B 475 37.14 -36.27 -17.95
N PHE B 476 36.35 -36.78 -17.01
CA PHE B 476 36.24 -36.18 -15.68
C PHE B 476 36.15 -37.27 -14.63
N ARG B 477 36.60 -36.92 -13.42
CA ARG B 477 36.63 -37.85 -12.30
C ARG B 477 35.48 -37.65 -11.32
N THR B 478 34.83 -36.50 -11.34
CA THR B 478 33.70 -36.21 -10.48
C THR B 478 32.53 -35.71 -11.32
N GLN B 479 31.31 -36.02 -10.88
CA GLN B 479 30.13 -35.56 -11.60
C GLN B 479 30.03 -34.05 -11.58
N LEU B 480 30.46 -33.40 -10.49
CA LEU B 480 30.37 -31.95 -10.40
C LEU B 480 31.20 -31.27 -11.48
N ASP B 481 32.51 -31.58 -11.53
CA ASP B 481 33.38 -30.97 -12.52
C ASP B 481 33.03 -31.40 -13.94
N ALA B 482 32.29 -32.49 -14.10
CA ALA B 482 31.81 -32.89 -15.42
C ALA B 482 30.58 -32.10 -15.84
N ASP B 483 29.75 -31.67 -14.89
CA ASP B 483 28.49 -31.02 -15.23
C ASP B 483 28.69 -29.57 -15.70
N GLN B 484 29.63 -28.84 -15.11
CA GLN B 484 29.81 -27.45 -15.48
C GLN B 484 30.38 -27.32 -16.90
N THR B 485 31.21 -28.28 -17.32
CA THR B 485 31.64 -28.32 -18.71
C THR B 485 30.46 -28.61 -19.63
N ILE B 486 29.56 -29.49 -19.20
CA ILE B 486 28.33 -29.75 -19.97
C ILE B 486 27.51 -28.48 -20.09
N ASP B 487 27.34 -27.75 -18.98
CA ASP B 487 26.54 -26.54 -19.01
C ASP B 487 27.14 -25.49 -19.94
N LEU B 488 28.47 -25.33 -19.89
CA LEU B 488 29.12 -24.37 -20.77
C LEU B 488 28.98 -24.78 -22.24
N LEU B 489 29.12 -26.08 -22.53
CA LEU B 489 29.01 -26.55 -23.90
C LEU B 489 27.60 -26.32 -24.45
N ASN B 490 26.57 -26.60 -23.65
CA ASN B 490 25.21 -26.37 -24.09
C ASN B 490 24.87 -24.89 -24.15
N ASN B 491 25.62 -24.04 -23.45
CA ASN B 491 25.42 -22.60 -23.58
C ASN B 491 25.77 -22.12 -24.98
N GLN B 492 26.86 -22.64 -25.55
CA GLN B 492 27.22 -22.29 -26.92
C GLN B 492 26.14 -22.74 -27.91
N ILE B 493 25.62 -23.95 -27.71
CA ILE B 493 24.55 -24.44 -28.58
C ILE B 493 23.31 -23.56 -28.47
N GLY B 494 22.97 -23.17 -27.24
CA GLY B 494 21.79 -22.34 -27.04
C GLY B 494 21.92 -20.98 -27.68
N ARG B 495 23.07 -20.32 -27.50
CA ARG B 495 23.27 -19.01 -28.12
C ARG B 495 23.49 -19.10 -29.62
N SER B 496 23.86 -20.28 -30.12
CA SER B 496 23.91 -20.47 -31.57
C SER B 496 22.50 -20.60 -32.15
N LEU B 497 21.62 -21.33 -31.46
CA LEU B 497 20.24 -21.46 -31.93
C LEU B 497 19.44 -20.19 -31.72
N GLY B 498 19.71 -19.45 -30.64
CA GLY B 498 18.93 -18.27 -30.33
C GLY B 498 19.28 -17.05 -31.15
N ASN B 499 20.44 -17.02 -31.79
CA ASN B 499 20.88 -15.86 -32.57
C ASN B 499 20.11 -15.82 -33.90
N THR B 500 18.81 -15.61 -33.78
CA THR B 500 17.90 -15.61 -34.92
C THR B 500 16.88 -14.50 -34.72
N ALA B 501 15.81 -14.56 -35.52
CA ALA B 501 14.72 -13.59 -35.41
C ALA B 501 13.97 -13.77 -34.09
N PRO B 502 13.30 -12.71 -33.62
CA PRO B 502 12.58 -12.82 -32.34
C PRO B 502 11.48 -13.87 -32.39
N ILE B 503 11.50 -14.76 -31.40
CA ILE B 503 10.55 -15.86 -31.29
C ILE B 503 10.28 -16.08 -29.80
N GLY B 504 9.04 -16.42 -29.47
CA GLY B 504 8.68 -16.67 -28.09
C GLY B 504 9.38 -17.91 -27.53
N MET B 505 9.17 -18.14 -26.23
CA MET B 505 9.78 -19.30 -25.59
C MET B 505 9.29 -20.59 -26.22
N ARG B 506 7.99 -20.68 -26.47
CA ARG B 506 7.47 -21.69 -27.38
C ARG B 506 7.90 -21.34 -28.81
N ASP B 507 8.13 -22.38 -29.61
CA ASP B 507 8.80 -22.39 -30.90
C ASP B 507 10.30 -22.17 -30.75
N MET B 508 10.79 -21.90 -29.53
CA MET B 508 12.21 -21.96 -29.19
C MET B 508 12.54 -23.22 -28.41
N ALA B 509 11.64 -23.64 -27.51
CA ALA B 509 11.74 -24.98 -26.95
C ALA B 509 11.56 -26.03 -28.03
N LEU B 510 10.74 -25.75 -29.05
CA LEU B 510 10.62 -26.64 -30.19
C LEU B 510 11.94 -26.72 -30.96
N ARG B 511 12.66 -25.61 -31.07
CA ARG B 511 13.98 -25.64 -31.70
C ARG B 511 14.93 -26.52 -30.90
N VAL B 512 14.98 -26.33 -29.59
CA VAL B 512 15.88 -27.13 -28.75
C VAL B 512 15.47 -28.60 -28.77
N LEU B 513 14.16 -28.86 -28.71
CA LEU B 513 13.67 -30.22 -28.78
C LEU B 513 14.04 -30.87 -30.11
N GLU B 514 13.94 -30.11 -31.21
CA GLU B 514 14.31 -30.64 -32.51
C GLU B 514 15.79 -30.97 -32.58
N VAL B 515 16.65 -30.09 -32.03
CA VAL B 515 18.08 -30.38 -31.99
C VAL B 515 18.35 -31.60 -31.13
N PHE B 516 17.68 -31.70 -29.99
CA PHE B 516 17.90 -32.80 -29.06
C PHE B 516 17.48 -34.15 -29.65
N TYR B 517 16.70 -34.14 -30.73
CA TYR B 517 16.28 -35.37 -31.39
C TYR B 517 17.10 -35.69 -32.65
N ARG B 518 17.60 -34.66 -33.34
CA ARG B 518 18.41 -34.86 -34.54
C ARG B 518 19.91 -34.80 -34.25
N ASP B 519 20.35 -33.89 -33.40
CA ASP B 519 21.76 -33.72 -33.07
C ASP B 519 22.10 -34.05 -31.62
N GLY B 520 21.20 -33.78 -30.68
CA GLY B 520 21.43 -34.13 -29.28
C GLY B 520 22.17 -33.05 -28.52
N LEU B 521 22.24 -33.25 -27.20
CA LEU B 521 22.92 -32.35 -26.29
C LEU B 521 23.78 -33.16 -25.33
N TYR B 522 24.77 -32.51 -24.75
CA TYR B 522 25.75 -33.20 -23.93
C TYR B 522 25.12 -33.73 -22.64
N THR B 523 25.50 -34.96 -22.29
CA THR B 523 24.96 -35.65 -21.13
C THR B 523 26.06 -36.50 -20.51
N ALA B 524 26.07 -36.58 -19.18
CA ALA B 524 27.11 -37.30 -18.44
C ALA B 524 26.61 -38.67 -18.00
N LYS B 525 27.48 -39.67 -18.14
CA LYS B 525 27.22 -41.02 -17.65
C LYS B 525 28.49 -41.58 -17.04
N GLN B 526 28.36 -42.21 -15.88
CA GLN B 526 29.52 -42.76 -15.18
C GLN B 526 29.89 -44.12 -15.76
N SER B 527 31.17 -44.30 -16.04
CA SER B 527 31.69 -45.60 -16.47
C SER B 527 32.06 -46.43 -15.25
N GLU B 528 32.30 -47.72 -15.49
CA GLU B 528 32.58 -48.65 -14.41
C GLU B 528 33.97 -48.49 -13.80
N ASP B 529 34.80 -47.60 -14.35
CA ASP B 529 36.14 -47.37 -13.82
C ASP B 529 36.21 -46.12 -12.93
N GLY B 530 35.07 -45.59 -12.51
CA GLY B 530 35.03 -44.46 -11.62
C GLY B 530 35.07 -43.10 -12.29
N SER B 531 35.23 -43.04 -13.61
CA SER B 531 35.29 -41.79 -14.34
C SER B 531 33.91 -41.42 -14.88
N TRP B 532 33.83 -40.24 -15.50
CA TRP B 532 32.60 -39.76 -16.10
C TRP B 532 32.90 -39.23 -17.49
N TYR B 533 32.32 -39.85 -18.51
CA TYR B 533 32.46 -39.40 -19.89
C TYR B 533 31.20 -38.64 -20.30
N ILE B 534 31.40 -37.66 -21.19
CA ILE B 534 30.31 -36.82 -21.66
C ILE B 534 30.32 -36.80 -23.19
N ASP B 535 29.12 -36.92 -23.76
CA ASP B 535 28.96 -36.83 -25.21
C ASP B 535 27.51 -36.44 -25.49
N ARG B 536 27.27 -36.00 -26.73
CA ARG B 536 25.96 -35.50 -27.13
C ARG B 536 24.99 -36.67 -27.26
N THR B 537 24.14 -36.85 -26.26
CA THR B 537 23.15 -37.91 -26.25
C THR B 537 21.85 -37.41 -26.88
N LYS B 538 21.24 -38.25 -27.71
CA LYS B 538 20.02 -37.89 -28.40
C LYS B 538 18.79 -38.36 -27.62
N ILE B 539 17.63 -37.83 -27.99
CA ILE B 539 16.39 -38.08 -27.29
C ILE B 539 15.71 -39.30 -27.89
N THR B 540 14.77 -39.87 -27.12
CA THR B 540 13.98 -41.00 -27.59
C THR B 540 12.82 -40.51 -28.46
N GLN B 541 12.48 -41.31 -29.48
CA GLN B 541 11.35 -40.97 -30.35
C GLN B 541 10.07 -40.77 -29.54
N GLU B 542 9.86 -41.60 -28.52
CA GLU B 542 8.71 -41.41 -27.63
C GLU B 542 8.80 -40.09 -26.88
N GLN B 543 10.00 -39.74 -26.42
CA GLN B 543 10.19 -38.49 -25.69
C GLN B 543 9.97 -37.29 -26.61
N TYR B 544 10.39 -37.39 -27.87
CA TYR B 544 10.21 -36.29 -28.81
C TYR B 544 8.74 -36.01 -29.06
N ASN B 545 7.92 -37.06 -29.22
CA ASN B 545 6.51 -36.87 -29.54
C ASN B 545 5.72 -36.38 -28.33
N SER B 546 6.04 -36.88 -27.14
CA SER B 546 5.28 -36.50 -25.95
C SER B 546 5.43 -35.00 -25.66
N LEU B 547 6.65 -34.48 -25.78
CA LEU B 547 6.86 -33.06 -25.50
C LEU B 547 6.33 -32.19 -26.63
N LYS B 548 6.54 -32.60 -27.88
CA LYS B 548 6.09 -31.80 -29.01
C LYS B 548 4.57 -31.65 -29.03
N LYS B 549 3.84 -32.67 -28.55
CA LYS B 549 2.40 -32.58 -28.49
C LYS B 549 1.96 -31.44 -27.59
N PHE B 550 2.34 -31.49 -26.32
CA PHE B 550 1.87 -30.49 -25.35
C PHE B 550 2.42 -29.10 -25.67
N TYR B 551 3.60 -29.01 -26.28
CA TYR B 551 4.15 -27.71 -26.64
C TYR B 551 3.25 -27.00 -27.65
N GLU B 552 2.78 -27.72 -28.67
CA GLU B 552 1.99 -27.09 -29.72
C GLU B 552 0.69 -26.48 -29.20
N ILE B 553 0.20 -26.93 -28.06
CA ILE B 553 -1.01 -26.37 -27.45
C ILE B 553 -0.69 -25.57 -26.19
N ALA B 554 0.59 -25.33 -25.92
CA ALA B 554 0.99 -24.53 -24.77
C ALA B 554 1.17 -23.07 -25.17
N ASN B 555 1.34 -22.21 -24.17
CA ASN B 555 1.61 -20.81 -24.39
C ASN B 555 3.11 -20.55 -24.27
N ASP B 556 3.49 -19.27 -24.34
CA ASP B 556 4.91 -18.92 -24.18
C ASP B 556 5.42 -19.16 -22.77
N PHE B 557 4.52 -19.32 -21.80
CA PHE B 557 4.94 -19.62 -20.44
C PHE B 557 5.21 -21.10 -20.21
N GLY B 558 4.61 -21.98 -21.01
CA GLY B 558 4.73 -23.40 -20.84
C GLY B 558 3.49 -24.11 -20.36
N ARG B 559 2.33 -23.46 -20.37
CA ARG B 559 1.08 -24.03 -19.88
C ARG B 559 0.02 -23.98 -20.96
N SER B 560 -0.95 -24.88 -20.84
CA SER B 560 -2.09 -24.90 -21.75
C SER B 560 -3.17 -23.92 -21.28
N LYS B 561 -4.19 -23.75 -22.11
CA LYS B 561 -5.32 -22.91 -21.71
C LYS B 561 -6.01 -23.45 -20.48
N GLU B 562 -5.97 -24.77 -20.27
CA GLU B 562 -6.63 -25.37 -19.11
C GLU B 562 -5.97 -24.92 -17.81
N GLU B 563 -4.64 -25.04 -17.73
CA GLU B 563 -3.93 -24.72 -16.49
C GLU B 563 -3.50 -23.26 -16.39
N GLN B 564 -3.47 -22.53 -17.51
CA GLN B 564 -3.23 -21.10 -17.42
C GLN B 564 -4.41 -20.38 -16.77
N ASP B 565 -5.64 -20.73 -17.17
CA ASP B 565 -6.81 -20.16 -16.54
C ASP B 565 -6.97 -20.65 -15.10
N GLU B 566 -6.47 -21.86 -14.81
CA GLU B 566 -6.52 -22.37 -13.44
C GLU B 566 -5.71 -21.48 -12.50
N ILE B 567 -4.53 -21.04 -12.95
CA ILE B 567 -3.73 -20.12 -12.14
C ILE B 567 -4.45 -18.80 -11.96
N MET B 568 -5.07 -18.29 -13.03
CA MET B 568 -5.81 -17.03 -12.92
C MET B 568 -7.01 -17.17 -11.99
N LYS B 569 -7.70 -18.32 -12.05
CA LYS B 569 -8.84 -18.53 -11.16
C LYS B 569 -8.42 -18.57 -9.70
N ASN B 570 -7.35 -19.32 -9.40
CA ASN B 570 -6.90 -19.41 -8.02
C ASN B 570 -6.32 -18.08 -7.53
N ALA B 571 -5.66 -17.33 -8.43
CA ALA B 571 -5.20 -15.99 -8.06
C ALA B 571 -6.37 -15.07 -7.77
N ALA B 572 -7.45 -15.18 -8.55
CA ALA B 572 -8.64 -14.37 -8.31
C ALA B 572 -9.29 -14.73 -6.98
N LYS B 573 -9.36 -16.03 -6.67
CA LYS B 573 -9.99 -16.46 -5.41
C LYS B 573 -9.24 -15.92 -4.20
N ARG B 574 -7.90 -15.98 -4.23
CA ARG B 574 -7.12 -15.43 -3.13
C ARG B 574 -7.29 -13.92 -3.03
N ASP B 575 -7.35 -13.23 -4.18
CA ASP B 575 -7.59 -11.79 -4.15
C ASP B 575 -8.99 -11.47 -3.65
N GLU B 576 -9.98 -12.31 -3.98
CA GLU B 576 -11.33 -12.10 -3.48
C GLU B 576 -11.40 -12.22 -1.96
N LYS B 577 -10.77 -13.26 -1.41
CA LYS B 577 -10.85 -13.51 0.02
C LYS B 577 -10.15 -12.40 0.81
N LEU B 578 -8.95 -11.98 0.38
CA LEU B 578 -8.22 -10.96 1.12
C LEU B 578 -8.92 -9.61 1.05
N LEU B 579 -9.44 -9.24 -0.11
CA LEU B 579 -10.17 -7.99 -0.23
C LEU B 579 -11.45 -8.03 0.60
N ASP B 580 -12.16 -9.15 0.57
CA ASP B 580 -13.34 -9.30 1.43
C ASP B 580 -12.94 -9.33 2.90
N GLU B 581 -11.82 -9.96 3.23
CA GLU B 581 -11.35 -9.97 4.61
C GLU B 581 -11.00 -8.56 5.08
N TYR B 582 -10.35 -7.78 4.22
CA TYR B 582 -10.01 -6.40 4.57
C TYR B 582 -11.24 -5.51 4.62
N GLU B 583 -12.34 -5.93 3.99
CA GLU B 583 -13.60 -5.20 4.06
C GLU B 583 -14.35 -5.42 5.37
N LYS B 584 -13.78 -6.19 6.29
CA LYS B 584 -14.43 -6.47 7.57
C LYS B 584 -14.19 -5.39 8.62
N HIS B 585 -13.27 -4.45 8.36
CA HIS B 585 -13.12 -3.32 9.29
C HIS B 585 -14.40 -2.51 9.33
N TRP B 586 -15.01 -2.25 8.19
CA TRP B 586 -16.37 -1.74 8.10
C TRP B 586 -17.31 -2.93 7.87
N HIS B 587 -18.61 -2.64 7.85
CA HIS B 587 -19.60 -3.67 7.56
C HIS B 587 -19.85 -3.71 6.06
N SER B 588 -19.51 -4.83 5.44
CA SER B 588 -19.50 -4.95 3.98
C SER B 588 -20.55 -5.96 3.53
N ILE B 589 -20.66 -6.11 2.20
CA ILE B 589 -21.65 -7.00 1.61
C ILE B 589 -21.30 -8.46 1.88
N ARG B 590 -20.01 -8.77 2.03
CA ARG B 590 -19.57 -10.15 2.24
C ARG B 590 -20.10 -10.73 3.55
#